data_9CY3
#
_entry.id   9CY3
#
_cell.length_a   1.00
_cell.length_b   1.00
_cell.length_c   1.00
_cell.angle_alpha   90.00
_cell.angle_beta   90.00
_cell.angle_gamma   90.00
#
_symmetry.space_group_name_H-M   'P 1'
#
loop_
_entity.id
_entity.type
_entity.pdbx_description
1 polymer 'Solute carrier organic anion transporter family member 1B1'
2 polymer 'Sybody 5'
3 non-polymer '7-[2-(4-FLUORO-PHENYL)-5-ISOPROPYL-3-PHENYL-4-PHENYLCARBAMOYL-PYRROL-1-YL]- 3,5-DIHYDROXY-HEPTANOIC ACID'
#
loop_
_entity_poly.entity_id
_entity_poly.type
_entity_poly.pdbx_seq_one_letter_code
_entity_poly.pdbx_strand_id
1 'polypeptide(L)'
;MHHHHHHHHHHDYKDDDDKENLYFQGMDQNQHLNKTAEAQPSENKKTRYCNGLKMFLAALSLSFIAKTLGAIIMKSSIIH
IERRFEISSSLVGFIDGSFEIGNLLVIVFVSYFGSKLHRPKLIGIGCFIMGIGGVLTALPHFFMGYYRYSKETNINSSEN
STSTLSTCLINQILSLNRASPEIVGKGCLKESGSYMWIYVFMGNMLRGIGETPIVPLGLSYIDDFAKEGHSSLYLGILNA
IAMIGPIIGFTLGSLFSKMYVDIGYVDLSTIRITPTDSRWVGAWWLNFLVSGLFSIISSIPFFFLPQTPNKPQKERKASL
SLHVLETNDEKDQTANLTNQGKNITKNVTGFFQSFKSILTNPLYVMFVLLTLLQVSSYIGAFTYVFKYVEQQYGQPSSKA
NILLGVITIPIFASGMFLGGYIIKKFKLNTVGIAKFSCFTAVMSLSFYLLYFFILCENKSVAGLTMTYDGNNPVTSHRDV
PLSYCNSDCNCDESQWEPVCGNNGITYISPCLAGCKSSSGNKKPIVFYNCSCLEVTGLQNRNYSAHLGECPRDDACTRKF
YFFVAIQVLNLFFSALGGTSHVMLIVKIVQPELKSLALGFHSMVIRALGGILAPIYFGALIDTTCIKWSTNNCGTRGSCR
TYNSTSFSRVYLGLSSMLRVSSLVLYIILIYAMKKKYQEKDINASENGSVMDEANLESLNKNKHFVPSAGADSETHC
;
A
2 'polypeptide(L)'
;GSSSQVQLVESGGGLVQAGGSLRLSCAASGFPVNLSYMHWYRQAPGKEREWVAAISSWGWHTEYADSVKGRFTISRDNAK
NTVYLQMNSLKPEDTAVYYCHVRVGRSYFGQGTQVSVSAGRAGEQKLISEEDLNSAVDHHHHHH
;
B
#
# COMPACT_ATOMS: atom_id res chain seq x y z
N CYS A 50 -19.86 0.64 -32.49
CA CYS A 50 -18.97 -0.48 -32.24
C CYS A 50 -18.63 -1.21 -33.53
N ASN A 51 -17.48 -0.88 -34.11
CA ASN A 51 -17.04 -1.42 -35.39
C ASN A 51 -16.07 -2.59 -35.20
N GLY A 52 -16.23 -3.35 -34.12
CA GLY A 52 -15.34 -4.46 -33.85
C GLY A 52 -14.16 -4.09 -32.98
N LEU A 53 -13.43 -3.04 -33.39
CA LEU A 53 -12.30 -2.57 -32.60
C LEU A 53 -12.75 -1.88 -31.32
N LYS A 54 -13.87 -1.17 -31.37
CA LYS A 54 -14.39 -0.47 -30.20
C LYS A 54 -14.80 -1.43 -29.09
N MET A 55 -15.21 -2.64 -29.45
CA MET A 55 -15.44 -3.69 -28.44
C MET A 55 -14.15 -4.05 -27.73
N PHE A 56 -13.04 -4.14 -28.47
CA PHE A 56 -11.75 -4.42 -27.83
C PHE A 56 -11.32 -3.26 -26.94
N LEU A 57 -11.56 -2.03 -27.37
CA LEU A 57 -11.20 -0.88 -26.53
C LEU A 57 -12.05 -0.83 -25.26
N ALA A 58 -13.33 -1.23 -25.35
CA ALA A 58 -14.18 -1.34 -24.17
C ALA A 58 -13.66 -2.40 -23.21
N ALA A 59 -13.31 -3.58 -23.74
CA ALA A 59 -12.80 -4.66 -22.90
C ALA A 59 -11.45 -4.31 -22.29
N LEU A 60 -10.58 -3.63 -23.04
CA LEU A 60 -9.28 -3.25 -22.53
C LEU A 60 -9.40 -2.14 -21.49
N SER A 61 -10.36 -1.23 -21.66
CA SER A 61 -10.61 -0.23 -20.64
C SER A 61 -11.13 -0.87 -19.36
N LEU A 62 -11.97 -1.90 -19.50
CA LEU A 62 -12.44 -2.65 -18.33
C LEU A 62 -11.29 -3.37 -17.62
N SER A 63 -10.36 -3.93 -18.38
CA SER A 63 -9.20 -4.58 -17.78
C SER A 63 -8.24 -3.57 -17.13
N PHE A 64 -8.14 -2.36 -17.71
CA PHE A 64 -7.36 -1.30 -17.09
C PHE A 64 -7.96 -0.87 -15.76
N ILE A 65 -9.29 -0.75 -15.70
CA ILE A 65 -9.99 -0.49 -14.44
C ILE A 65 -9.73 -1.61 -13.45
N ALA A 66 -9.72 -2.86 -13.94
CA ALA A 66 -9.51 -4.01 -13.06
C ALA A 66 -8.11 -4.01 -12.44
N LYS A 67 -7.08 -3.79 -13.24
CA LYS A 67 -5.72 -3.82 -12.69
C LYS A 67 -5.42 -2.59 -11.84
N THR A 68 -5.98 -1.43 -12.20
CA THR A 68 -5.73 -0.24 -11.39
C THR A 68 -6.52 -0.30 -10.08
N LEU A 69 -7.68 -0.95 -10.10
CA LEU A 69 -8.41 -1.27 -8.88
C LEU A 69 -7.61 -2.22 -7.98
N GLY A 70 -7.01 -3.25 -8.58
CA GLY A 70 -6.25 -4.22 -7.79
C GLY A 70 -5.02 -3.62 -7.15
N ALA A 71 -4.37 -2.68 -7.84
CA ALA A 71 -3.21 -1.99 -7.26
C ALA A 71 -3.60 -1.17 -6.04
N ILE A 72 -4.73 -0.46 -6.11
CA ILE A 72 -5.21 0.32 -4.98
C ILE A 72 -5.65 -0.58 -3.82
N ILE A 73 -6.24 -1.74 -4.14
CA ILE A 73 -6.63 -2.69 -3.09
C ILE A 73 -5.39 -3.26 -2.38
N MET A 74 -4.33 -3.58 -3.13
CA MET A 74 -3.07 -3.99 -2.51
C MET A 74 -2.45 -2.88 -1.67
N LYS A 75 -2.53 -1.62 -2.13
CA LYS A 75 -1.95 -0.54 -1.36
C LYS A 75 -2.78 -0.20 -0.13
N SER A 76 -4.09 -0.49 -0.18
CA SER A 76 -4.98 -0.06 0.89
C SER A 76 -5.12 -1.11 1.98
N SER A 77 -5.26 -2.38 1.60
CA SER A 77 -5.56 -3.46 2.55
C SER A 77 -4.30 -4.17 3.01
N ILE A 78 -3.17 -3.48 3.07
CA ILE A 78 -1.94 -4.13 3.52
C ILE A 78 -1.78 -4.03 5.04
N ILE A 79 -2.34 -2.99 5.66
CA ILE A 79 -2.27 -2.89 7.12
C ILE A 79 -3.17 -3.92 7.77
N HIS A 80 -4.33 -4.20 7.17
CA HIS A 80 -5.22 -5.23 7.70
C HIS A 80 -4.61 -6.61 7.58
N ILE A 81 -3.88 -6.87 6.49
CA ILE A 81 -3.13 -8.12 6.34
C ILE A 81 -2.04 -8.21 7.40
N GLU A 82 -1.38 -7.09 7.69
CA GLU A 82 -0.35 -7.07 8.74
C GLU A 82 -0.95 -7.35 10.12
N ARG A 83 -2.11 -6.79 10.42
CA ARG A 83 -2.73 -7.02 11.73
C ARG A 83 -3.33 -8.43 11.83
N ARG A 84 -3.82 -8.97 10.72
CA ARG A 84 -4.45 -10.29 10.76
C ARG A 84 -3.43 -11.40 10.82
N PHE A 85 -2.42 -11.35 9.95
CA PHE A 85 -1.45 -12.43 9.84
C PHE A 85 -0.35 -12.36 10.88
N GLU A 86 -0.28 -11.26 11.65
CA GLU A 86 0.73 -11.02 12.70
C GLU A 86 2.15 -11.12 12.13
N ILE A 87 2.36 -10.53 10.97
CA ILE A 87 3.64 -10.61 10.27
C ILE A 87 4.47 -9.37 10.57
N SER A 88 5.77 -9.49 10.32
CA SER A 88 6.71 -8.42 10.61
C SER A 88 6.77 -7.40 9.47
N SER A 89 7.56 -6.35 9.69
CA SER A 89 7.66 -5.28 8.69
C SER A 89 8.43 -5.73 7.45
N SER A 90 9.52 -6.47 7.65
CA SER A 90 10.26 -7.01 6.51
C SER A 90 9.44 -8.03 5.75
N LEU A 91 8.66 -8.85 6.47
CA LEU A 91 7.78 -9.82 5.82
C LEU A 91 6.69 -9.13 5.01
N VAL A 92 6.06 -8.09 5.56
CA VAL A 92 4.96 -7.45 4.84
C VAL A 92 5.50 -6.62 3.68
N GLY A 93 6.72 -6.09 3.81
CA GLY A 93 7.36 -5.47 2.66
C GLY A 93 7.71 -6.46 1.58
N PHE A 94 8.06 -7.69 1.97
CA PHE A 94 8.43 -8.71 0.99
C PHE A 94 7.18 -9.23 0.26
N ILE A 95 6.05 -9.33 0.98
CA ILE A 95 4.76 -9.61 0.34
C ILE A 95 4.34 -8.46 -0.58
N ASP A 96 4.61 -7.22 -0.17
CA ASP A 96 4.27 -6.07 -1.02
C ASP A 96 5.11 -6.07 -2.29
N GLY A 97 6.39 -6.42 -2.18
CA GLY A 97 7.28 -6.50 -3.33
C GLY A 97 7.14 -7.75 -4.18
N SER A 98 6.36 -8.73 -3.72
CA SER A 98 6.07 -9.92 -4.52
C SER A 98 5.44 -9.58 -5.87
N PHE A 99 4.60 -8.56 -5.92
CA PHE A 99 3.98 -8.13 -7.16
C PHE A 99 5.02 -7.63 -8.16
N GLU A 100 5.99 -6.83 -7.67
CA GLU A 100 7.06 -6.35 -8.54
C GLU A 100 7.98 -7.48 -8.97
N ILE A 101 8.23 -8.45 -8.09
CA ILE A 101 9.04 -9.63 -8.46
C ILE A 101 8.36 -10.42 -9.58
N GLY A 102 7.07 -10.71 -9.41
CA GLY A 102 6.35 -11.51 -10.41
C GLY A 102 6.18 -10.80 -11.73
N ASN A 103 5.97 -9.48 -11.69
CA ASN A 103 5.85 -8.72 -12.93
C ASN A 103 7.20 -8.59 -13.64
N LEU A 104 8.25 -8.25 -12.89
CA LEU A 104 9.54 -7.94 -13.46
C LEU A 104 10.31 -9.19 -13.86
N LEU A 105 9.87 -10.37 -13.40
CA LEU A 105 10.55 -11.57 -13.86
C LEU A 105 10.17 -11.90 -15.31
N VAL A 106 8.92 -11.69 -15.69
CA VAL A 106 8.39 -12.26 -16.93
C VAL A 106 7.80 -11.21 -17.88
N ILE A 107 7.90 -9.90 -17.58
CA ILE A 107 7.22 -8.93 -18.44
C ILE A 107 7.82 -8.84 -19.84
N VAL A 108 9.16 -8.88 -19.96
CA VAL A 108 9.78 -8.83 -21.29
C VAL A 108 9.53 -10.12 -22.06
N PHE A 109 9.51 -11.26 -21.37
CA PHE A 109 9.28 -12.53 -22.07
C PHE A 109 7.85 -12.66 -22.58
N VAL A 110 6.86 -12.25 -21.77
CA VAL A 110 5.48 -12.30 -22.22
C VAL A 110 5.23 -11.28 -23.32
N SER A 111 5.80 -10.07 -23.19
CA SER A 111 5.60 -9.04 -24.19
C SER A 111 6.29 -9.38 -25.51
N TYR A 112 7.41 -10.10 -25.45
CA TYR A 112 8.08 -10.51 -26.68
C TYR A 112 7.36 -11.67 -27.33
N PHE A 113 7.11 -12.75 -26.58
CA PHE A 113 6.55 -13.97 -27.15
C PHE A 113 5.06 -13.86 -27.45
N GLY A 114 4.38 -12.84 -26.94
CA GLY A 114 2.95 -12.74 -27.13
C GLY A 114 2.50 -11.95 -28.34
N SER A 115 3.42 -11.22 -28.98
CA SER A 115 3.03 -10.37 -30.10
C SER A 115 2.77 -11.19 -31.36
N LYS A 116 3.48 -12.31 -31.53
CA LYS A 116 3.21 -13.21 -32.65
C LYS A 116 2.02 -14.13 -32.40
N LEU A 117 1.51 -14.18 -31.17
CA LEU A 117 0.42 -15.08 -30.83
C LEU A 117 -0.91 -14.32 -30.89
N HIS A 118 -1.98 -14.96 -30.42
CA HIS A 118 -3.30 -14.35 -30.32
C HIS A 118 -3.30 -13.39 -29.14
N ARG A 119 -3.19 -12.10 -29.43
CA ARG A 119 -3.03 -11.08 -28.38
C ARG A 119 -4.23 -10.93 -27.43
N PRO A 120 -5.51 -10.80 -27.89
CA PRO A 120 -6.58 -10.61 -26.90
C PRO A 120 -6.85 -11.84 -26.04
N LYS A 121 -6.60 -13.03 -26.58
CA LYS A 121 -6.73 -14.24 -25.78
C LYS A 121 -5.67 -14.29 -24.68
N LEU A 122 -4.44 -13.84 -24.96
CA LEU A 122 -3.41 -13.80 -23.92
C LEU A 122 -3.70 -12.71 -22.89
N ILE A 123 -4.30 -11.59 -23.33
CA ILE A 123 -4.71 -10.57 -22.37
C ILE A 123 -5.83 -11.11 -21.46
N GLY A 124 -6.75 -11.89 -22.03
CA GLY A 124 -7.78 -12.53 -21.23
C GLY A 124 -7.24 -13.57 -20.28
N ILE A 125 -6.22 -14.31 -20.71
CA ILE A 125 -5.56 -15.28 -19.85
C ILE A 125 -4.87 -14.56 -18.69
N GLY A 126 -4.20 -13.44 -18.97
CA GLY A 126 -3.60 -12.65 -17.91
C GLY A 126 -4.62 -12.05 -16.95
N CYS A 127 -5.77 -11.62 -17.47
CA CYS A 127 -6.85 -11.14 -16.62
C CYS A 127 -7.41 -12.25 -15.75
N PHE A 128 -7.50 -13.47 -16.29
CA PHE A 128 -7.97 -14.59 -15.51
C PHE A 128 -6.97 -14.96 -14.42
N ILE A 129 -5.67 -14.89 -14.72
CA ILE A 129 -4.65 -15.12 -13.70
C ILE A 129 -4.69 -14.04 -12.62
N MET A 130 -4.99 -12.79 -13.00
CA MET A 130 -5.18 -11.73 -12.01
C MET A 130 -6.39 -12.00 -11.11
N GLY A 131 -7.48 -12.49 -11.69
CA GLY A 131 -8.65 -12.84 -10.91
C GLY A 131 -8.42 -14.02 -9.99
N ILE A 132 -7.70 -15.05 -10.48
CA ILE A 132 -7.34 -16.21 -9.66
C ILE A 132 -6.41 -15.79 -8.53
N GLY A 133 -5.51 -14.85 -8.80
CA GLY A 133 -4.65 -14.33 -7.74
C GLY A 133 -5.40 -13.55 -6.68
N GLY A 134 -6.40 -12.77 -7.09
CA GLY A 134 -7.24 -12.08 -6.13
C GLY A 134 -8.08 -13.03 -5.28
N VAL A 135 -8.64 -14.06 -5.91
CA VAL A 135 -9.42 -15.06 -5.19
C VAL A 135 -8.53 -15.85 -4.23
N LEU A 136 -7.32 -16.19 -4.67
CA LEU A 136 -6.36 -16.88 -3.81
C LEU A 136 -5.86 -15.99 -2.68
N THR A 137 -5.80 -14.68 -2.89
CA THR A 137 -5.43 -13.77 -1.81
C THR A 137 -6.55 -13.66 -0.78
N ALA A 138 -7.81 -13.71 -1.24
CA ALA A 138 -8.94 -13.74 -0.31
C ALA A 138 -9.15 -15.10 0.33
N LEU A 139 -8.57 -16.14 -0.24
CA LEU A 139 -8.74 -17.51 0.25
C LEU A 139 -8.29 -17.81 1.69
N PRO A 140 -7.14 -17.31 2.22
CA PRO A 140 -6.76 -17.73 3.59
C PRO A 140 -7.69 -17.27 4.69
N HIS A 141 -8.56 -16.28 4.47
CA HIS A 141 -9.54 -15.94 5.49
C HIS A 141 -10.57 -17.05 5.64
N PHE A 142 -10.91 -17.72 4.55
CA PHE A 142 -12.04 -18.66 4.54
C PHE A 142 -11.77 -19.91 5.34
N PHE A 143 -10.53 -20.22 5.70
CA PHE A 143 -10.23 -21.42 6.48
C PHE A 143 -9.17 -21.19 7.56
N MET A 144 -9.27 -20.08 8.27
CA MET A 144 -8.50 -19.91 9.51
C MET A 144 -9.33 -19.95 10.78
N GLY A 145 -10.56 -19.46 10.76
CA GLY A 145 -11.35 -19.40 11.97
C GLY A 145 -11.50 -17.99 12.51
N TYR A 146 -11.90 -17.93 13.78
CA TYR A 146 -12.22 -16.66 14.40
C TYR A 146 -10.94 -15.89 14.73
N TYR A 147 -10.93 -14.61 14.36
CA TYR A 147 -9.81 -13.73 14.70
C TYR A 147 -9.85 -13.42 16.19
N ARG A 148 -8.67 -13.39 16.81
CA ARG A 148 -8.54 -13.12 18.24
C ARG A 148 -7.78 -11.82 18.44
N TYR A 149 -8.20 -11.07 19.45
CA TYR A 149 -7.61 -9.77 19.74
C TYR A 149 -7.23 -9.56 21.20
N SER A 150 -7.75 -10.35 22.13
CA SER A 150 -7.39 -10.20 23.54
C SER A 150 -7.32 -11.55 24.24
N LEU A 165 0.45 10.50 30.78
CA LEU A 165 0.46 11.49 29.71
C LEU A 165 1.77 12.29 29.70
N SER A 166 2.82 11.65 30.23
CA SER A 166 4.18 12.21 30.34
C SER A 166 4.16 13.51 31.16
N THR A 167 3.86 13.36 32.44
CA THR A 167 3.79 14.48 33.35
C THR A 167 5.14 14.71 34.04
N CYS A 168 5.43 15.98 34.30
CA CYS A 168 6.60 16.35 35.10
C CYS A 168 6.43 15.88 36.53
N LEU A 169 7.42 15.14 37.04
CA LEU A 169 7.36 14.56 38.38
C LEU A 169 8.33 15.32 39.28
N ILE A 170 7.80 16.28 40.02
CA ILE A 170 8.61 17.06 40.95
C ILE A 170 8.54 16.43 42.34
N SER A 194 0.45 -18.70 10.67
CA SER A 194 1.75 -18.03 10.63
C SER A 194 2.41 -18.24 9.29
N TYR A 195 1.95 -19.24 8.54
CA TYR A 195 2.49 -19.56 7.23
C TYR A 195 1.45 -19.42 6.12
N MET A 196 0.28 -18.87 6.41
CA MET A 196 -0.73 -18.67 5.38
C MET A 196 -0.49 -17.42 4.53
N TRP A 197 0.40 -16.53 4.99
CA TRP A 197 0.79 -15.33 4.23
C TRP A 197 1.37 -15.67 2.87
N ILE A 198 1.96 -16.87 2.72
CA ILE A 198 2.49 -17.35 1.46
C ILE A 198 1.42 -17.32 0.38
N TYR A 199 0.19 -17.70 0.72
CA TYR A 199 -0.91 -17.63 -0.24
C TYR A 199 -1.20 -16.18 -0.63
N VAL A 200 -1.17 -15.28 0.35
CA VAL A 200 -1.29 -13.84 0.09
C VAL A 200 -0.09 -13.37 -0.72
N PHE A 201 1.07 -13.99 -0.48
CA PHE A 201 2.22 -13.81 -1.37
C PHE A 201 1.92 -14.31 -2.77
N MET A 202 1.45 -15.57 -2.88
CA MET A 202 1.53 -16.27 -4.17
C MET A 202 0.55 -15.70 -5.17
N GLY A 203 -0.68 -15.44 -4.74
CA GLY A 203 -1.65 -14.78 -5.61
C GLY A 203 -1.21 -13.39 -6.02
N ASN A 204 -0.46 -12.70 -5.15
CA ASN A 204 0.11 -11.42 -5.51
C ASN A 204 1.08 -11.57 -6.67
N MET A 205 1.91 -12.63 -6.64
CA MET A 205 2.73 -12.96 -7.80
C MET A 205 1.88 -13.25 -9.03
N LEU A 206 0.74 -13.92 -8.82
CA LEU A 206 -0.20 -14.14 -9.92
C LEU A 206 -0.73 -12.82 -10.45
N ARG A 207 -1.01 -11.87 -9.53
CA ARG A 207 -1.43 -10.54 -9.93
C ARG A 207 -0.32 -9.84 -10.70
N GLY A 208 0.94 -10.12 -10.35
CA GLY A 208 2.05 -9.62 -11.13
C GLY A 208 2.00 -10.12 -12.55
N ILE A 209 1.78 -11.43 -12.72
CA ILE A 209 1.57 -11.96 -14.07
C ILE A 209 0.25 -11.44 -14.62
N GLY A 210 -0.71 -11.18 -13.73
CA GLY A 210 -1.94 -10.54 -14.15
C GLY A 210 -1.74 -9.13 -14.67
N GLU A 211 -0.75 -8.43 -14.13
CA GLU A 211 -0.46 -7.10 -14.67
C GLU A 211 0.39 -7.19 -15.93
N THR A 212 0.97 -8.36 -16.20
CA THR A 212 2.05 -8.46 -17.18
C THR A 212 1.64 -8.20 -18.64
N PRO A 213 0.65 -8.89 -19.24
CA PRO A 213 0.45 -8.69 -20.68
C PRO A 213 -0.53 -7.59 -21.05
N ILE A 214 -0.94 -6.74 -20.10
CA ILE A 214 -2.03 -5.80 -20.37
C ILE A 214 -1.51 -4.58 -21.13
N VAL A 215 -0.52 -3.90 -20.57
CA VAL A 215 0.00 -2.66 -21.14
C VAL A 215 0.84 -2.93 -22.41
N PRO A 216 1.86 -3.85 -22.44
CA PRO A 216 2.59 -3.99 -23.71
C PRO A 216 1.82 -4.66 -24.85
N LEU A 217 1.16 -5.78 -24.59
CA LEU A 217 0.47 -6.50 -25.68
C LEU A 217 -0.83 -5.81 -26.07
N GLY A 218 -1.46 -5.11 -25.12
CA GLY A 218 -2.73 -4.47 -25.42
C GLY A 218 -2.59 -3.23 -26.27
N LEU A 219 -1.77 -2.27 -25.81
CA LEU A 219 -1.60 -0.99 -26.50
C LEU A 219 -0.99 -1.19 -27.89
N SER A 220 -0.05 -2.12 -28.03
CA SER A 220 0.49 -2.46 -29.35
C SER A 220 -0.59 -3.04 -30.26
N TYR A 221 -1.53 -3.82 -29.71
CA TYR A 221 -2.62 -4.35 -30.53
C TYR A 221 -3.54 -3.21 -30.95
N ILE A 222 -3.54 -2.11 -30.19
CA ILE A 222 -4.22 -0.89 -30.61
C ILE A 222 -3.57 -0.35 -31.88
N ASP A 223 -2.23 -0.33 -31.92
CA ASP A 223 -1.53 0.55 -32.85
C ASP A 223 -1.53 0.01 -34.29
N ASP A 224 -1.46 -1.31 -34.48
CA ASP A 224 -1.41 -1.81 -35.85
C ASP A 224 -2.76 -1.83 -36.55
N PHE A 225 -3.87 -1.69 -35.83
CA PHE A 225 -5.19 -1.74 -36.44
C PHE A 225 -6.11 -0.56 -36.13
N ALA A 226 -5.73 0.35 -35.23
CA ALA A 226 -6.42 1.63 -35.20
C ALA A 226 -5.95 2.46 -36.38
N LYS A 227 -6.82 3.36 -36.85
CA LYS A 227 -6.44 4.27 -37.92
C LYS A 227 -5.46 5.31 -37.38
N GLU A 228 -4.78 5.99 -38.31
CA GLU A 228 -3.67 6.87 -37.95
C GLU A 228 -4.17 8.09 -37.20
N GLY A 229 -3.49 8.41 -36.09
CA GLY A 229 -3.87 9.48 -35.22
C GLY A 229 -4.87 9.09 -34.14
N HIS A 230 -5.59 8.00 -34.33
CA HIS A 230 -6.66 7.61 -33.41
C HIS A 230 -6.17 6.89 -32.17
N SER A 231 -4.99 6.26 -32.23
CA SER A 231 -4.50 5.47 -31.10
C SER A 231 -4.13 6.35 -29.92
N SER A 232 -3.72 7.59 -30.17
CA SER A 232 -3.51 8.55 -29.09
C SER A 232 -4.82 8.87 -28.38
N LEU A 233 -5.90 9.03 -29.15
CA LEU A 233 -7.21 9.32 -28.57
C LEU A 233 -7.73 8.16 -27.74
N TYR A 234 -7.56 6.93 -28.24
CA TYR A 234 -7.98 5.75 -27.50
C TYR A 234 -7.14 5.57 -26.24
N LEU A 235 -5.85 5.88 -26.32
CA LEU A 235 -4.98 5.78 -25.15
C LEU A 235 -5.35 6.81 -24.09
N GLY A 236 -5.69 8.03 -24.51
CA GLY A 236 -6.15 9.03 -23.56
C GLY A 236 -7.49 8.67 -22.95
N ILE A 237 -8.39 8.10 -23.76
CA ILE A 237 -9.68 7.62 -23.26
C ILE A 237 -9.49 6.52 -22.23
N LEU A 238 -8.57 5.58 -22.51
CA LEU A 238 -8.33 4.46 -21.61
C LEU A 238 -7.66 4.90 -20.32
N ASN A 239 -6.72 5.86 -20.40
CA ASN A 239 -6.09 6.35 -19.18
C ASN A 239 -7.04 7.25 -18.38
N ALA A 240 -8.02 7.87 -19.02
CA ALA A 240 -9.03 8.61 -18.28
C ALA A 240 -10.02 7.66 -17.62
N ILE A 241 -10.42 6.61 -18.34
CA ILE A 241 -11.37 5.62 -17.85
C ILE A 241 -10.75 4.79 -16.72
N ALA A 242 -9.45 4.53 -16.77
CA ALA A 242 -8.78 3.71 -15.77
C ALA A 242 -8.66 4.42 -14.42
N MET A 243 -9.00 5.70 -14.34
CA MET A 243 -8.94 6.40 -13.06
C MET A 243 -10.23 6.19 -12.26
N ILE A 244 -11.24 5.57 -12.89
CA ILE A 244 -12.44 5.11 -12.17
C ILE A 244 -12.07 4.02 -11.17
N GLY A 245 -11.10 3.18 -11.51
CA GLY A 245 -10.58 2.13 -10.65
C GLY A 245 -10.11 2.54 -9.26
N PRO A 246 -9.26 3.57 -9.14
CA PRO A 246 -8.94 4.08 -7.80
C PRO A 246 -10.12 4.63 -7.02
N ILE A 247 -11.13 5.18 -7.70
CA ILE A 247 -12.32 5.68 -7.00
C ILE A 247 -13.10 4.52 -6.38
N ILE A 248 -13.31 3.46 -7.17
CA ILE A 248 -13.97 2.25 -6.70
C ILE A 248 -13.16 1.61 -5.58
N GLY A 249 -11.83 1.58 -5.74
CA GLY A 249 -10.96 1.02 -4.71
C GLY A 249 -11.00 1.79 -3.40
N PHE A 250 -11.00 3.13 -3.47
CA PHE A 250 -11.06 3.95 -2.26
C PHE A 250 -12.40 3.78 -1.55
N THR A 251 -13.51 3.82 -2.30
CA THR A 251 -14.82 3.70 -1.68
C THR A 251 -15.04 2.31 -1.08
N LEU A 252 -14.69 1.25 -1.82
CA LEU A 252 -14.86 -0.10 -1.31
C LEU A 252 -13.88 -0.39 -0.17
N GLY A 253 -12.68 0.16 -0.23
CA GLY A 253 -11.72 -0.05 0.85
C GLY A 253 -12.16 0.61 2.15
N SER A 254 -12.67 1.85 2.06
CA SER A 254 -13.18 2.50 3.27
C SER A 254 -14.43 1.81 3.79
N LEU A 255 -15.32 1.39 2.89
CA LEU A 255 -16.57 0.75 3.31
C LEU A 255 -16.31 -0.61 3.95
N PHE A 256 -15.43 -1.41 3.36
CA PHE A 256 -15.18 -2.75 3.89
C PHE A 256 -14.18 -2.72 5.03
N SER A 257 -13.43 -1.64 5.19
CA SER A 257 -12.65 -1.45 6.40
C SER A 257 -13.51 -0.94 7.54
N LYS A 258 -14.66 -0.35 7.23
CA LYS A 258 -15.57 0.07 8.30
C LYS A 258 -16.23 -1.14 8.97
N MET A 259 -16.41 -2.24 8.25
CA MET A 259 -16.98 -3.42 8.87
C MET A 259 -15.89 -4.36 9.41
N TYR A 260 -16.32 -5.40 10.12
CA TYR A 260 -15.41 -6.33 10.75
C TYR A 260 -15.07 -7.47 9.80
N VAL A 261 -13.90 -8.09 10.06
CA VAL A 261 -13.39 -9.12 9.15
C VAL A 261 -14.22 -10.40 9.23
N ASP A 262 -14.88 -10.64 10.36
CA ASP A 262 -15.72 -11.82 10.56
C ASP A 262 -17.18 -11.51 10.32
N ILE A 263 -17.49 -10.69 9.32
CA ILE A 263 -18.87 -10.41 8.94
C ILE A 263 -19.53 -11.69 8.41
N GLY A 264 -20.80 -11.86 8.73
CA GLY A 264 -21.54 -13.03 8.33
C GLY A 264 -21.27 -14.28 9.13
N TYR A 265 -20.30 -14.24 10.06
CA TYR A 265 -19.92 -15.40 10.86
C TYR A 265 -20.22 -15.24 12.33
N VAL A 266 -20.17 -14.01 12.86
CA VAL A 266 -20.36 -13.76 14.28
C VAL A 266 -21.42 -12.67 14.42
N ASP A 267 -22.17 -12.75 15.51
CA ASP A 267 -23.13 -11.70 15.84
C ASP A 267 -22.38 -10.41 16.19
N LEU A 268 -22.86 -9.29 15.63
CA LEU A 268 -22.05 -8.07 15.64
C LEU A 268 -22.07 -7.37 16.99
N SER A 269 -23.03 -7.69 17.85
CA SER A 269 -23.09 -7.06 19.17
C SER A 269 -22.05 -7.63 20.12
N THR A 270 -21.45 -8.78 19.80
CA THR A 270 -20.47 -9.41 20.66
C THR A 270 -19.08 -8.80 20.54
N ILE A 271 -18.82 -8.01 19.50
CA ILE A 271 -17.51 -7.38 19.32
C ILE A 271 -17.46 -6.12 20.17
N ARG A 272 -16.49 -6.06 21.09
CA ARG A 272 -16.36 -4.94 22.01
C ARG A 272 -15.51 -3.80 21.46
N ILE A 273 -14.65 -4.07 20.48
CA ILE A 273 -13.70 -3.06 20.01
C ILE A 273 -14.35 -2.19 18.94
N THR A 274 -13.73 -1.04 18.68
CA THR A 274 -14.16 -0.04 17.73
C THR A 274 -13.21 -0.02 16.54
N PRO A 275 -13.63 0.48 15.39
CA PRO A 275 -12.71 0.59 14.23
C PRO A 275 -11.53 1.51 14.44
N THR A 276 -11.59 2.43 15.42
CA THR A 276 -10.45 3.29 15.74
C THR A 276 -9.39 2.58 16.58
N ASP A 277 -9.66 1.37 17.05
CA ASP A 277 -8.72 0.67 17.91
C ASP A 277 -7.55 0.09 17.12
N SER A 278 -6.49 -0.25 17.85
CA SER A 278 -5.27 -0.75 17.21
C SER A 278 -5.37 -2.23 16.85
N ARG A 279 -6.38 -2.93 17.34
CA ARG A 279 -6.55 -4.35 17.04
C ARG A 279 -7.63 -4.62 16.00
N TRP A 280 -8.19 -3.59 15.39
CA TRP A 280 -9.28 -3.78 14.44
C TRP A 280 -8.73 -4.28 13.09
N VAL A 281 -9.46 -5.21 12.47
CA VAL A 281 -9.13 -5.71 11.15
C VAL A 281 -10.39 -5.62 10.29
N GLY A 282 -10.32 -4.88 9.19
CA GLY A 282 -11.44 -4.78 8.27
C GLY A 282 -11.50 -5.97 7.34
N ALA A 283 -12.59 -6.01 6.56
CA ALA A 283 -12.81 -7.13 5.65
C ALA A 283 -11.93 -7.04 4.42
N TRP A 284 -10.64 -7.36 4.58
CA TRP A 284 -9.71 -7.34 3.45
C TRP A 284 -10.05 -8.42 2.43
N TRP A 285 -10.58 -9.55 2.91
CA TRP A 285 -10.97 -10.63 2.01
C TRP A 285 -12.12 -10.22 1.10
N LEU A 286 -12.99 -9.32 1.57
CA LEU A 286 -14.03 -8.77 0.69
C LEU A 286 -13.42 -7.92 -0.41
N ASN A 287 -12.38 -7.14 -0.09
CA ASN A 287 -11.69 -6.33 -1.09
C ASN A 287 -11.04 -7.20 -2.15
N PHE A 288 -10.33 -8.24 -1.72
CA PHE A 288 -9.70 -9.13 -2.69
C PHE A 288 -10.71 -9.96 -3.45
N LEU A 289 -11.86 -10.27 -2.84
CA LEU A 289 -12.92 -11.00 -3.52
C LEU A 289 -13.55 -10.16 -4.62
N VAL A 290 -13.87 -8.89 -4.33
CA VAL A 290 -14.48 -8.06 -5.35
C VAL A 290 -13.49 -7.70 -6.45
N SER A 291 -12.20 -7.57 -6.09
CA SER A 291 -11.16 -7.34 -7.11
C SER A 291 -10.98 -8.56 -8.01
N GLY A 292 -10.93 -9.75 -7.41
CA GLY A 292 -10.78 -10.96 -8.20
C GLY A 292 -11.97 -11.26 -9.07
N LEU A 293 -13.19 -11.08 -8.54
CA LEU A 293 -14.38 -11.28 -9.35
C LEU A 293 -14.52 -10.22 -10.43
N PHE A 294 -14.05 -8.99 -10.19
CA PHE A 294 -14.13 -7.98 -11.23
C PHE A 294 -13.14 -8.32 -12.36
N SER A 295 -11.95 -8.80 -12.00
CA SER A 295 -10.99 -9.24 -13.02
C SER A 295 -11.49 -10.46 -13.77
N ILE A 296 -12.16 -11.38 -13.07
CA ILE A 296 -12.71 -12.57 -13.72
C ILE A 296 -13.83 -12.21 -14.67
N ILE A 297 -14.71 -11.28 -14.27
CA ILE A 297 -15.78 -10.82 -15.16
C ILE A 297 -15.20 -10.10 -16.38
N SER A 298 -14.15 -9.29 -16.18
CA SER A 298 -13.49 -8.64 -17.30
C SER A 298 -12.71 -9.62 -18.18
N SER A 299 -12.46 -10.84 -17.71
CA SER A 299 -11.71 -11.81 -18.51
C SER A 299 -12.52 -12.33 -19.70
N ILE A 300 -13.83 -12.58 -19.52
CA ILE A 300 -14.66 -13.14 -20.62
C ILE A 300 -14.67 -12.33 -21.92
N PRO A 301 -14.86 -10.99 -21.93
CA PRO A 301 -14.98 -10.29 -23.24
C PRO A 301 -13.72 -10.32 -24.10
N PHE A 302 -12.57 -10.73 -23.54
CA PHE A 302 -11.38 -10.85 -24.36
C PHE A 302 -11.40 -12.12 -25.21
N PHE A 303 -11.97 -13.21 -24.68
CA PHE A 303 -11.86 -14.51 -25.33
C PHE A 303 -12.70 -14.64 -26.59
N PHE A 304 -13.65 -13.75 -26.83
CA PHE A 304 -14.48 -13.81 -28.02
C PHE A 304 -14.04 -12.80 -29.09
N LEU A 305 -13.05 -11.98 -28.81
CA LEU A 305 -12.53 -11.05 -29.81
C LEU A 305 -11.64 -11.79 -30.80
N PRO A 306 -11.69 -11.46 -32.09
CA PRO A 306 -10.82 -12.13 -33.06
C PRO A 306 -9.38 -11.64 -32.95
N GLN A 307 -8.49 -12.36 -33.65
CA GLN A 307 -7.09 -11.95 -33.71
C GLN A 307 -6.93 -10.63 -34.44
N THR A 308 -7.63 -10.46 -35.55
CA THR A 308 -7.64 -9.22 -36.31
C THR A 308 -9.10 -8.78 -36.44
N PRO A 309 -9.39 -7.48 -36.36
CA PRO A 309 -10.78 -7.01 -36.52
C PRO A 309 -11.36 -7.28 -37.91
N ASN A 310 -10.54 -7.29 -38.95
CA ASN A 310 -11.01 -7.59 -40.30
C ASN A 310 -10.28 -8.78 -40.88
N GLY A 350 14.97 -14.11 -33.01
CA GLY A 350 15.45 -14.49 -31.70
C GLY A 350 15.12 -13.47 -30.63
N PHE A 351 15.09 -13.92 -29.37
CA PHE A 351 14.82 -12.99 -28.28
C PHE A 351 16.00 -12.06 -28.02
N PHE A 352 17.21 -12.62 -27.99
CA PHE A 352 18.41 -11.78 -27.81
C PHE A 352 18.67 -10.90 -29.03
N GLN A 353 18.34 -11.36 -30.23
CA GLN A 353 18.58 -10.56 -31.42
C GLN A 353 17.65 -9.34 -31.48
N SER A 354 16.36 -9.54 -31.23
CA SER A 354 15.42 -8.41 -31.21
C SER A 354 15.65 -7.52 -29.99
N PHE A 355 16.06 -8.11 -28.86
CA PHE A 355 16.31 -7.30 -27.67
C PHE A 355 17.59 -6.49 -27.82
N LYS A 356 18.58 -7.05 -28.52
CA LYS A 356 19.77 -6.29 -28.91
C LYS A 356 19.42 -5.20 -29.91
N SER A 357 18.48 -5.46 -30.82
CA SER A 357 18.05 -4.44 -31.76
C SER A 357 17.31 -3.31 -31.05
N ILE A 358 16.61 -3.62 -29.96
CA ILE A 358 16.01 -2.57 -29.15
C ILE A 358 17.08 -1.77 -28.42
N LEU A 359 18.07 -2.47 -27.83
CA LEU A 359 19.07 -1.79 -27.00
C LEU A 359 20.09 -1.00 -27.81
N THR A 360 20.35 -1.39 -29.07
CA THR A 360 21.35 -0.69 -29.88
C THR A 360 20.82 0.56 -30.53
N ASN A 361 19.53 0.83 -30.42
CA ASN A 361 18.95 2.06 -30.96
C ASN A 361 19.33 3.18 -29.99
N PRO A 362 20.06 4.21 -30.44
CA PRO A 362 20.47 5.27 -29.48
C PRO A 362 19.32 6.17 -29.08
N LEU A 363 18.38 6.44 -29.99
CA LEU A 363 17.23 7.27 -29.69
C LEU A 363 16.35 6.62 -28.63
N TYR A 364 16.16 5.30 -28.73
CA TYR A 364 15.34 4.59 -27.76
C TYR A 364 15.97 4.52 -26.38
N VAL A 365 17.28 4.21 -26.30
CA VAL A 365 17.90 4.13 -24.97
C VAL A 365 18.02 5.52 -24.35
N MET A 366 18.15 6.55 -25.20
CA MET A 366 18.13 7.93 -24.74
C MET A 366 16.76 8.30 -24.18
N PHE A 367 15.69 7.91 -24.87
CA PHE A 367 14.34 8.19 -24.43
C PHE A 367 13.99 7.42 -23.16
N VAL A 368 14.50 6.19 -23.03
CA VAL A 368 14.22 5.38 -21.85
C VAL A 368 14.94 5.93 -20.62
N LEU A 369 16.20 6.35 -20.77
CA LEU A 369 16.91 7.00 -19.68
C LEU A 369 16.23 8.31 -19.28
N LEU A 370 15.79 9.07 -20.29
CA LEU A 370 15.02 10.29 -20.09
C LEU A 370 13.74 10.04 -19.28
N THR A 371 12.94 9.07 -19.72
CA THR A 371 11.65 8.82 -19.09
C THR A 371 11.85 8.21 -17.70
N LEU A 372 12.95 7.47 -17.51
CA LEU A 372 13.35 7.02 -16.17
C LEU A 372 13.56 8.21 -15.24
N LEU A 373 14.31 9.23 -15.70
CA LEU A 373 14.57 10.40 -14.87
C LEU A 373 13.28 11.18 -14.57
N GLN A 374 12.46 11.39 -15.60
CA GLN A 374 11.23 12.18 -15.44
C GLN A 374 10.22 11.48 -14.55
N VAL A 375 9.98 10.19 -14.78
CA VAL A 375 9.01 9.43 -14.00
C VAL A 375 9.53 9.20 -12.58
N SER A 376 10.86 9.08 -12.42
CA SER A 376 11.44 9.02 -11.08
C SER A 376 11.21 10.32 -10.32
N SER A 377 11.29 11.47 -11.00
CA SER A 377 10.94 12.74 -10.38
C SER A 377 9.46 12.79 -10.00
N TYR A 378 8.59 12.27 -10.88
CA TYR A 378 7.15 12.22 -10.60
C TYR A 378 6.84 11.36 -9.37
N ILE A 379 7.44 10.17 -9.30
CA ILE A 379 7.16 9.23 -8.23
C ILE A 379 7.77 9.72 -6.91
N GLY A 380 8.99 10.25 -6.96
CA GLY A 380 9.60 10.77 -5.75
C GLY A 380 8.93 12.04 -5.24
N ALA A 381 8.28 12.79 -6.13
CA ALA A 381 7.42 13.87 -5.67
C ALA A 381 6.15 13.33 -5.03
N PHE A 382 5.35 12.59 -5.79
CA PHE A 382 4.01 12.20 -5.36
C PHE A 382 4.01 11.16 -4.24
N THR A 383 5.15 10.55 -3.93
CA THR A 383 5.22 9.73 -2.72
C THR A 383 5.28 10.60 -1.46
N TYR A 384 5.89 11.78 -1.54
CA TYR A 384 6.16 12.58 -0.35
C TYR A 384 5.51 13.97 -0.40
N VAL A 385 4.53 14.18 -1.30
CA VAL A 385 3.75 15.41 -1.30
C VAL A 385 3.08 15.66 0.05
N PHE A 386 2.45 14.63 0.62
CA PHE A 386 1.73 14.80 1.88
C PHE A 386 2.68 15.05 3.05
N LYS A 387 3.84 14.40 3.05
CA LYS A 387 4.85 14.66 4.07
C LYS A 387 5.43 16.06 3.92
N TYR A 388 5.62 16.53 2.68
CA TYR A 388 6.10 17.88 2.46
C TYR A 388 5.09 18.91 2.93
N VAL A 389 3.80 18.66 2.68
CA VAL A 389 2.73 19.53 3.15
C VAL A 389 2.71 19.59 4.68
N GLU A 390 2.83 18.43 5.32
CA GLU A 390 2.78 18.37 6.79
C GLU A 390 3.98 19.06 7.43
N GLN A 391 5.18 18.84 6.90
CA GLN A 391 6.36 19.41 7.54
C GLN A 391 6.67 20.83 7.07
N GLN A 392 6.01 21.31 6.01
CA GLN A 392 6.22 22.68 5.59
C GLN A 392 5.09 23.60 6.07
N TYR A 393 3.86 23.29 5.67
CA TYR A 393 2.74 24.20 5.93
C TYR A 393 1.97 23.84 7.19
N GLY A 394 2.23 22.69 7.80
CA GLY A 394 1.58 22.30 9.03
C GLY A 394 0.21 21.69 8.88
N GLN A 395 -0.33 21.63 7.67
CA GLN A 395 -1.63 21.01 7.47
C GLN A 395 -1.48 19.49 7.40
N PRO A 396 -2.27 18.74 8.16
CA PRO A 396 -2.08 17.29 8.22
C PRO A 396 -2.55 16.58 6.96
N SER A 397 -2.13 15.33 6.78
CA SER A 397 -2.50 14.54 5.63
C SER A 397 -3.97 14.11 5.70
N GLY A 405 -8.45 14.53 -2.92
CA GLY A 405 -8.32 14.39 -4.36
C GLY A 405 -9.65 14.34 -5.07
N VAL A 406 -10.65 15.02 -4.50
CA VAL A 406 -11.98 15.06 -5.11
C VAL A 406 -11.95 15.93 -6.37
N ILE A 407 -11.22 17.03 -6.33
CA ILE A 407 -11.14 17.95 -7.46
C ILE A 407 -10.02 17.58 -8.42
N THR A 408 -8.95 16.94 -7.93
CA THR A 408 -7.78 16.67 -8.76
C THR A 408 -8.04 15.58 -9.80
N ILE A 409 -8.98 14.67 -9.54
CA ILE A 409 -9.26 13.55 -10.44
C ILE A 409 -9.96 14.02 -11.72
N PRO A 410 -10.96 14.94 -11.71
CA PRO A 410 -11.41 15.52 -12.99
C PRO A 410 -10.32 16.28 -13.75
N ILE A 411 -9.41 16.94 -13.03
CA ILE A 411 -8.31 17.66 -13.69
C ILE A 411 -7.38 16.68 -14.40
N PHE A 412 -7.04 15.57 -13.75
CA PHE A 412 -6.16 14.57 -14.36
C PHE A 412 -6.84 13.90 -15.55
N ALA A 413 -8.11 13.52 -15.38
CA ALA A 413 -8.82 12.82 -16.45
C ALA A 413 -9.09 13.73 -17.63
N SER A 414 -9.30 15.02 -17.40
CA SER A 414 -9.42 15.98 -18.49
C SER A 414 -8.08 16.27 -19.13
N GLY A 415 -6.99 16.28 -18.35
CA GLY A 415 -5.68 16.56 -18.91
C GLY A 415 -5.18 15.46 -19.83
N MET A 416 -5.39 14.20 -19.44
CA MET A 416 -4.95 13.09 -20.29
C MET A 416 -5.76 13.00 -21.58
N PHE A 417 -7.08 13.16 -21.48
CA PHE A 417 -7.92 13.18 -22.68
C PHE A 417 -7.62 14.38 -23.55
N LEU A 418 -7.27 15.52 -22.93
CA LEU A 418 -6.86 16.69 -23.70
C LEU A 418 -5.53 16.44 -24.41
N GLY A 419 -4.61 15.71 -23.76
CA GLY A 419 -3.36 15.37 -24.42
C GLY A 419 -3.56 14.50 -25.63
N GLY A 420 -4.40 13.48 -25.50
CA GLY A 420 -4.79 12.67 -26.65
C GLY A 420 -5.52 13.47 -27.73
N TYR A 421 -6.33 14.44 -27.33
CA TYR A 421 -7.06 15.27 -28.28
C TYR A 421 -6.13 16.20 -29.05
N ILE A 422 -5.14 16.79 -28.36
CA ILE A 422 -4.16 17.66 -29.03
C ILE A 422 -3.28 16.86 -29.98
N ILE A 423 -2.89 15.64 -29.58
CA ILE A 423 -2.08 14.82 -30.48
C ILE A 423 -2.91 14.35 -31.70
N LYS A 424 -4.18 13.99 -31.50
CA LYS A 424 -4.99 13.50 -32.61
C LYS A 424 -5.43 14.63 -33.56
N LYS A 425 -5.90 15.75 -33.01
CA LYS A 425 -6.54 16.77 -33.83
C LYS A 425 -5.52 17.61 -34.59
N PHE A 426 -4.36 17.86 -33.99
CA PHE A 426 -3.36 18.70 -34.63
C PHE A 426 -2.47 17.95 -35.62
N LYS A 427 -2.70 16.64 -35.78
CA LYS A 427 -1.90 15.76 -36.66
C LYS A 427 -0.41 15.84 -36.34
N LEU A 428 -0.06 15.48 -35.12
CA LEU A 428 1.33 15.52 -34.71
C LEU A 428 2.08 14.28 -35.19
N ASN A 429 3.23 14.50 -35.81
CA ASN A 429 4.15 13.42 -36.14
C ASN A 429 5.05 13.13 -34.94
N THR A 430 6.06 12.27 -35.13
CA THR A 430 6.87 11.82 -33.99
C THR A 430 7.76 12.93 -33.43
N VAL A 431 8.31 13.79 -34.29
CA VAL A 431 9.02 14.95 -33.80
C VAL A 431 8.04 15.97 -33.24
N GLY A 432 6.81 16.01 -33.77
CA GLY A 432 5.80 16.88 -33.20
C GLY A 432 5.33 16.43 -31.83
N ILE A 433 5.16 15.11 -31.64
CA ILE A 433 4.81 14.58 -30.32
C ILE A 433 5.96 14.78 -29.34
N ALA A 434 7.20 14.63 -29.82
CA ALA A 434 8.36 14.90 -28.97
C ALA A 434 8.42 16.35 -28.53
N LYS A 435 8.15 17.28 -29.45
CA LYS A 435 8.16 18.70 -29.10
C LYS A 435 6.99 19.06 -28.20
N PHE A 436 5.83 18.42 -28.38
CA PHE A 436 4.68 18.68 -27.51
C PHE A 436 4.93 18.17 -26.10
N SER A 437 5.52 16.98 -25.97
CA SER A 437 5.88 16.45 -24.66
C SER A 437 6.94 17.31 -23.98
N CYS A 438 7.93 17.77 -24.76
CA CYS A 438 8.92 18.70 -24.26
C CYS A 438 8.29 20.00 -23.78
N PHE A 439 7.33 20.53 -24.53
CA PHE A 439 6.65 21.77 -24.15
C PHE A 439 5.87 21.60 -22.86
N THR A 440 5.14 20.49 -22.72
CA THR A 440 4.37 20.25 -21.50
C THR A 440 5.29 20.08 -20.30
N ALA A 441 6.44 19.42 -20.49
CA ALA A 441 7.36 19.28 -19.37
C ALA A 441 8.07 20.59 -19.04
N VAL A 442 8.28 21.46 -20.04
CA VAL A 442 8.84 22.79 -19.79
C VAL A 442 7.89 23.62 -18.95
N MET A 443 6.58 23.62 -19.28
CA MET A 443 5.63 24.35 -18.43
C MET A 443 5.48 23.70 -17.05
N SER A 444 5.56 22.36 -16.98
CA SER A 444 5.51 21.68 -15.69
C SER A 444 6.69 22.05 -14.80
N LEU A 445 7.90 22.09 -15.36
CA LEU A 445 9.07 22.48 -14.58
C LEU A 445 9.10 23.97 -14.31
N SER A 446 8.50 24.78 -15.20
CA SER A 446 8.41 26.22 -14.96
C SER A 446 7.52 26.52 -13.77
N PHE A 447 6.41 25.80 -13.64
CA PHE A 447 5.62 25.93 -12.41
C PHE A 447 6.28 25.23 -11.23
N TYR A 448 7.08 24.19 -11.49
CA TYR A 448 7.72 23.44 -10.41
C TYR A 448 8.86 24.23 -9.78
N LEU A 449 9.48 25.14 -10.54
CA LEU A 449 10.56 25.96 -9.99
C LEU A 449 10.03 27.01 -9.03
N LEU A 450 8.72 27.31 -9.09
CA LEU A 450 8.10 28.32 -8.24
C LEU A 450 7.92 27.87 -6.80
N TYR A 451 8.17 26.59 -6.48
CA TYR A 451 7.96 26.11 -5.13
C TYR A 451 9.03 26.58 -4.15
N PHE A 452 10.16 27.09 -4.64
CA PHE A 452 11.21 27.57 -3.74
C PHE A 452 10.81 28.88 -3.06
N PHE A 453 9.93 29.65 -3.69
CA PHE A 453 9.57 30.98 -3.21
C PHE A 453 8.32 30.99 -2.34
N ILE A 454 7.76 29.82 -2.02
CA ILE A 454 6.56 29.76 -1.21
C ILE A 454 6.83 28.98 0.08
N LEU A 455 8.06 29.03 0.57
CA LEU A 455 8.41 28.40 1.83
C LEU A 455 7.88 29.22 3.00
N CYS A 456 7.25 28.55 3.95
CA CYS A 456 6.91 29.16 5.23
C CYS A 456 8.16 29.25 6.11
N GLU A 457 8.03 29.97 7.21
CA GLU A 457 9.12 30.10 8.16
C GLU A 457 9.32 28.78 8.92
N ASN A 458 10.52 28.61 9.47
CA ASN A 458 10.83 27.40 10.22
C ASN A 458 10.07 27.34 11.53
N LYS A 459 9.81 26.13 12.00
CA LYS A 459 9.09 25.94 13.24
C LYS A 459 9.94 26.32 14.44
N SER A 460 9.34 27.03 15.38
CA SER A 460 10.00 27.42 16.63
C SER A 460 9.82 26.28 17.62
N VAL A 461 10.78 25.36 17.65
CA VAL A 461 10.70 24.16 18.46
C VAL A 461 11.80 24.21 19.51
N ALA A 462 11.42 24.11 20.79
CA ALA A 462 12.37 24.16 21.88
C ALA A 462 13.01 22.79 22.06
N GLY A 463 14.34 22.75 22.02
CA GLY A 463 15.09 21.52 22.18
C GLY A 463 15.67 20.95 20.90
N LEU A 464 15.27 21.47 19.73
CA LEU A 464 15.81 21.00 18.46
C LEU A 464 16.52 22.11 17.70
N THR A 465 15.86 23.23 17.43
CA THR A 465 16.49 24.35 16.75
C THR A 465 16.94 25.43 17.71
N MET A 466 16.27 25.56 18.85
CA MET A 466 16.69 26.46 19.94
C MET A 466 16.67 25.64 21.21
N THR A 467 17.25 26.21 22.27
CA THR A 467 17.23 25.55 23.57
C THR A 467 15.83 25.66 24.20
N TYR A 468 15.66 24.95 25.32
CA TYR A 468 14.35 24.81 25.93
C TYR A 468 13.90 26.12 26.59
N ASP A 469 14.85 26.92 27.07
CA ASP A 469 14.51 28.17 27.74
C ASP A 469 14.03 29.23 26.76
N GLY A 470 14.41 29.14 25.49
CA GLY A 470 13.95 30.10 24.51
C GLY A 470 14.78 31.36 24.39
N ASN A 471 16.05 31.30 24.74
CA ASN A 471 16.94 32.46 24.67
C ASN A 471 18.10 32.28 23.72
N ASN A 472 18.70 31.09 23.67
CA ASN A 472 19.90 30.85 22.90
C ASN A 472 19.63 29.79 21.83
N PRO A 473 19.93 30.07 20.57
CA PRO A 473 19.88 28.99 19.56
C PRO A 473 21.01 27.99 19.75
N VAL A 474 20.87 26.80 19.19
CA VAL A 474 21.83 25.73 19.37
C VAL A 474 22.53 25.50 18.03
N THR A 475 23.82 25.13 18.08
CA THR A 475 24.60 25.00 16.86
C THR A 475 24.19 23.77 16.05
N SER A 476 23.95 22.65 16.72
CA SER A 476 23.55 21.42 16.06
C SER A 476 22.46 20.73 16.88
N HIS A 477 21.64 19.94 16.18
CA HIS A 477 20.47 19.32 16.78
C HIS A 477 20.77 17.96 17.40
N ARG A 478 22.01 17.50 17.39
CA ARG A 478 22.39 16.23 18.00
C ARG A 478 23.01 16.50 19.37
N ASP A 479 22.42 15.89 20.41
CA ASP A 479 22.83 16.03 21.82
C ASP A 479 22.82 17.49 22.27
N VAL A 480 21.63 18.06 22.29
CA VAL A 480 21.45 19.45 22.74
C VAL A 480 21.64 19.52 24.25
N PRO A 481 22.07 20.65 24.80
CA PRO A 481 22.13 20.77 26.26
C PRO A 481 20.74 20.92 26.87
N LEU A 482 20.63 20.53 28.13
CA LEU A 482 19.38 20.66 28.86
C LEU A 482 19.32 22.05 29.51
N SER A 483 18.12 22.51 29.83
CA SER A 483 17.92 23.82 30.42
C SER A 483 17.68 23.69 31.91
N TYR A 484 17.76 24.83 32.61
CA TYR A 484 17.61 24.81 34.06
C TYR A 484 16.15 24.69 34.48
N CYS A 485 15.21 25.01 33.59
CA CYS A 485 13.79 24.89 33.93
C CYS A 485 13.34 23.44 33.95
N ASN A 486 13.83 22.63 33.02
CA ASN A 486 13.45 21.23 32.90
C ASN A 486 14.55 20.27 33.37
N SER A 487 15.54 20.76 34.11
CA SER A 487 16.52 19.87 34.72
C SER A 487 15.91 19.07 35.86
N ASP A 488 14.92 19.66 36.55
CA ASP A 488 14.45 19.12 37.83
C ASP A 488 13.72 17.79 37.69
N CYS A 489 12.67 17.76 36.89
CA CYS A 489 11.91 16.52 36.73
C CYS A 489 12.46 15.72 35.56
N ASN A 490 12.81 14.47 35.82
CA ASN A 490 13.49 13.61 34.84
C ASN A 490 12.43 12.82 34.09
N CYS A 491 12.23 13.17 32.83
CA CYS A 491 11.37 12.42 31.93
C CYS A 491 12.18 11.89 30.77
N ASP A 492 11.48 11.24 29.85
CA ASP A 492 12.12 10.69 28.65
C ASP A 492 12.44 11.83 27.69
N GLU A 493 13.72 11.97 27.33
CA GLU A 493 14.11 12.99 26.37
C GLU A 493 13.73 12.59 24.94
N SER A 494 13.60 11.29 24.67
CA SER A 494 13.24 10.83 23.33
C SER A 494 11.73 10.79 23.12
N GLN A 495 10.93 11.03 24.16
CA GLN A 495 9.48 11.03 24.01
C GLN A 495 9.01 12.25 23.24
N TRP A 496 8.05 12.05 22.34
CA TRP A 496 7.54 13.10 21.47
C TRP A 496 6.05 13.30 21.73
N GLU A 497 5.72 14.33 22.50
CA GLU A 497 4.35 14.76 22.78
C GLU A 497 4.26 16.26 22.47
N PRO A 498 3.91 16.62 21.24
CA PRO A 498 4.03 18.02 20.81
C PRO A 498 2.97 18.92 21.43
N VAL A 499 3.43 20.00 22.06
CA VAL A 499 2.55 21.03 22.62
C VAL A 499 3.12 22.38 22.24
N CYS A 500 2.26 23.40 22.24
CA CYS A 500 2.71 24.79 22.11
C CYS A 500 1.97 25.65 23.11
N GLY A 501 2.63 26.70 23.58
CA GLY A 501 2.08 27.57 24.61
C GLY A 501 1.45 28.83 24.03
N ASN A 502 1.37 29.84 24.89
CA ASN A 502 0.81 31.13 24.51
C ASN A 502 1.72 31.84 23.51
N ASN A 503 3.04 31.70 23.67
CA ASN A 503 4.02 32.42 22.85
C ASN A 503 4.18 31.81 21.46
N GLY A 504 3.56 30.67 21.18
CA GLY A 504 3.68 30.05 19.87
C GLY A 504 4.91 29.23 19.64
N ILE A 505 5.69 28.95 20.69
CA ILE A 505 6.88 28.12 20.58
C ILE A 505 6.48 26.68 20.85
N THR A 506 6.78 25.80 19.89
CA THR A 506 6.43 24.39 20.03
C THR A 506 7.34 23.71 21.04
N TYR A 507 6.74 22.98 21.97
CA TYR A 507 7.48 22.19 22.95
C TYR A 507 7.28 20.71 22.65
N ILE A 508 8.28 19.89 23.00
CA ILE A 508 8.32 18.52 22.51
C ILE A 508 7.66 17.56 23.50
N SER A 509 7.53 17.96 24.76
CA SER A 509 6.81 17.20 25.77
C SER A 509 6.37 18.13 26.88
N PRO A 510 5.25 17.82 27.56
CA PRO A 510 4.89 18.61 28.75
C PRO A 510 5.86 18.45 29.91
N CYS A 511 6.66 17.38 29.96
CA CYS A 511 7.76 17.33 30.91
C CYS A 511 8.81 18.40 30.61
N LEU A 512 9.16 18.56 29.34
CA LEU A 512 10.18 19.53 28.97
C LEU A 512 9.61 20.93 28.75
N ALA A 513 8.28 21.08 28.77
CA ALA A 513 7.65 22.39 28.78
C ALA A 513 7.45 22.94 30.18
N GLY A 514 7.78 22.17 31.21
CA GLY A 514 7.61 22.61 32.58
C GLY A 514 6.20 22.47 33.13
N CYS A 515 5.28 21.91 32.35
CA CYS A 515 3.89 21.81 32.77
C CYS A 515 3.73 20.67 33.75
N LYS A 516 3.30 21.00 34.98
CA LYS A 516 3.15 20.01 36.04
C LYS A 516 1.72 19.55 36.27
N SER A 517 0.74 20.39 35.95
CA SER A 517 -0.67 20.07 36.17
C SER A 517 -1.43 20.17 34.85
N SER A 518 -2.33 19.21 34.63
CA SER A 518 -3.14 19.17 33.42
C SER A 518 -4.59 18.93 33.80
N SER A 519 -5.50 19.42 32.96
CA SER A 519 -6.93 19.26 33.20
C SER A 519 -7.39 17.83 32.97
N VAL A 526 -5.68 20.56 28.32
CA VAL A 526 -4.84 21.72 28.58
C VAL A 526 -3.78 21.39 29.61
N PHE A 527 -2.70 22.17 29.63
CA PHE A 527 -1.60 21.99 30.56
C PHE A 527 -1.36 23.31 31.30
N TYR A 528 -1.14 23.23 32.60
CA TYR A 528 -1.00 24.41 33.45
C TYR A 528 0.33 24.38 34.18
N ASN A 529 0.68 25.55 34.74
CA ASN A 529 1.89 25.77 35.56
C ASN A 529 3.16 25.43 34.80
N CYS A 530 3.23 25.83 33.54
CA CYS A 530 4.41 25.55 32.73
C CYS A 530 5.49 26.59 33.00
N SER A 531 6.68 26.12 33.37
CA SER A 531 7.75 26.98 33.85
C SER A 531 8.94 27.07 32.89
N CYS A 532 8.84 26.50 31.70
CA CYS A 532 9.91 26.57 30.70
C CYS A 532 9.58 27.61 29.63
N LEU A 533 8.92 28.70 30.03
CA LEU A 533 8.57 29.79 29.14
C LEU A 533 8.95 31.08 29.86
N GLU A 534 10.08 31.66 29.48
CA GLU A 534 10.62 32.81 30.20
C GLU A 534 9.83 34.07 29.86
N VAL A 535 9.51 34.85 30.90
CA VAL A 535 8.81 36.12 30.78
C VAL A 535 9.47 37.13 31.70
N THR A 536 9.19 38.41 31.47
CA THR A 536 9.64 39.47 32.37
C THR A 536 8.50 39.83 33.33
N GLY A 537 8.14 38.84 34.15
CA GLY A 537 7.10 39.05 35.14
C GLY A 537 5.69 38.96 34.64
N LEU A 538 5.46 38.35 33.48
CA LEU A 538 4.10 38.15 32.97
C LEU A 538 3.50 36.94 33.68
N GLN A 539 2.57 37.19 34.60
CA GLN A 539 2.02 36.11 35.41
C GLN A 539 1.01 35.27 34.63
N ASN A 540 0.27 35.91 33.71
CA ASN A 540 -0.77 35.19 32.98
C ASN A 540 -0.18 34.27 31.92
N ARG A 541 1.06 34.53 31.48
CA ARG A 541 1.74 33.68 30.51
C ARG A 541 2.48 32.55 31.22
N ASN A 542 1.70 31.69 31.88
CA ASN A 542 2.25 30.56 32.61
C ASN A 542 1.47 29.27 32.36
N TYR A 543 0.36 29.33 31.64
CA TYR A 543 -0.50 28.17 31.43
C TYR A 543 -1.15 28.31 30.05
N SER A 544 -2.24 27.57 29.83
CA SER A 544 -3.03 27.57 28.60
C SER A 544 -2.19 27.15 27.39
N ALA A 545 -1.68 25.92 27.46
CA ALA A 545 -0.95 25.30 26.36
C ALA A 545 -1.69 24.05 25.92
N HIS A 546 -2.15 24.02 24.68
CA HIS A 546 -2.92 22.90 24.16
C HIS A 546 -1.97 21.81 23.68
N LEU A 547 -2.53 20.67 23.28
CA LEU A 547 -1.76 19.53 22.81
C LEU A 547 -1.85 19.45 21.30
N GLY A 548 -0.81 18.89 20.69
CA GLY A 548 -0.73 18.79 19.25
C GLY A 548 0.07 19.92 18.63
N GLU A 549 0.50 19.70 17.39
CA GLU A 549 1.24 20.72 16.65
C GLU A 549 0.26 21.78 16.20
N CYS A 550 0.25 22.92 16.88
CA CYS A 550 -0.65 24.01 16.57
C CYS A 550 -0.24 24.70 15.27
N PRO A 551 -1.21 25.16 14.47
CA PRO A 551 -0.92 25.60 13.11
C PRO A 551 -0.11 26.89 13.05
N ARG A 552 0.48 27.14 11.88
CA ARG A 552 1.41 28.23 11.68
C ARG A 552 0.66 29.54 11.40
N ASP A 553 1.40 30.54 10.94
CA ASP A 553 0.85 31.86 10.70
C ASP A 553 -0.03 31.86 9.44
N ASP A 554 -0.86 32.89 9.33
CA ASP A 554 -1.79 33.02 8.21
C ASP A 554 -1.13 33.56 6.95
N ALA A 555 0.14 34.00 7.03
CA ALA A 555 0.81 34.52 5.86
C ALA A 555 1.15 33.40 4.88
N CYS A 556 1.64 32.27 5.39
CA CYS A 556 1.95 31.12 4.54
C CYS A 556 0.79 30.14 4.44
N THR A 557 -0.32 30.40 5.12
CA THR A 557 -1.55 29.64 4.86
C THR A 557 -2.05 29.91 3.45
N ARG A 558 -1.95 31.16 2.98
CA ARG A 558 -2.24 31.46 1.59
C ARG A 558 -1.20 30.84 0.65
N LYS A 559 0.06 30.75 1.10
CA LYS A 559 1.09 30.09 0.32
C LYS A 559 0.82 28.60 0.19
N PHE A 560 0.15 28.00 1.18
CA PHE A 560 -0.29 26.62 1.06
C PHE A 560 -1.32 26.46 -0.05
N TYR A 561 -2.25 27.41 -0.18
CA TYR A 561 -3.24 27.35 -1.26
C TYR A 561 -2.58 27.58 -2.61
N PHE A 562 -1.56 28.44 -2.65
CA PHE A 562 -0.73 28.60 -3.83
C PHE A 562 -0.03 27.29 -4.18
N PHE A 563 0.48 26.58 -3.16
CA PHE A 563 1.13 25.28 -3.36
C PHE A 563 0.17 24.27 -3.96
N VAL A 564 -1.06 24.21 -3.43
CA VAL A 564 -2.05 23.25 -3.93
C VAL A 564 -2.46 23.60 -5.35
N ALA A 565 -2.61 24.90 -5.66
CA ALA A 565 -2.96 25.30 -7.03
C ALA A 565 -1.84 24.97 -8.02
N ILE A 566 -0.58 25.18 -7.63
CA ILE A 566 0.53 24.86 -8.52
C ILE A 566 0.67 23.34 -8.67
N GLN A 567 0.34 22.57 -7.62
CA GLN A 567 0.36 21.12 -7.78
C GLN A 567 -0.77 20.63 -8.68
N VAL A 568 -1.91 21.32 -8.66
CA VAL A 568 -2.99 21.03 -9.60
C VAL A 568 -2.55 21.32 -11.04
N LEU A 569 -1.85 22.44 -11.25
CA LEU A 569 -1.33 22.77 -12.57
C LEU A 569 -0.27 21.78 -13.03
N ASN A 570 0.59 21.33 -12.10
CA ASN A 570 1.61 20.33 -12.43
C ASN A 570 0.97 18.99 -12.77
N LEU A 571 -0.09 18.61 -12.04
CA LEU A 571 -0.82 17.38 -12.35
C LEU A 571 -1.49 17.46 -13.71
N PHE A 572 -2.06 18.63 -14.03
CA PHE A 572 -2.69 18.82 -15.34
C PHE A 572 -1.67 18.76 -16.47
N PHE A 573 -0.49 19.36 -16.28
CA PHE A 573 0.50 19.32 -17.35
C PHE A 573 1.21 17.96 -17.43
N SER A 574 1.33 17.25 -16.31
CA SER A 574 1.83 15.88 -16.35
C SER A 574 0.87 14.96 -17.09
N ALA A 575 -0.44 15.15 -16.88
CA ALA A 575 -1.43 14.39 -17.64
C ALA A 575 -1.46 14.83 -19.10
N LEU A 576 -1.19 16.11 -19.36
CA LEU A 576 -1.12 16.59 -20.73
C LEU A 576 0.08 16.00 -21.47
N GLY A 577 1.18 15.78 -20.76
CA GLY A 577 2.28 14.99 -21.29
C GLY A 577 1.81 13.57 -21.54
N GLY A 578 1.55 12.82 -20.46
CA GLY A 578 0.70 11.65 -20.47
C GLY A 578 0.98 10.53 -21.45
N THR A 579 0.11 10.41 -22.45
CA THR A 579 0.16 9.38 -23.47
C THR A 579 1.35 9.49 -24.41
N SER A 580 2.07 10.61 -24.38
CA SER A 580 3.19 10.81 -25.30
C SER A 580 4.35 9.86 -25.01
N HIS A 581 4.52 9.45 -23.75
CA HIS A 581 5.58 8.50 -23.39
C HIS A 581 5.38 7.16 -24.08
N VAL A 582 4.14 6.66 -24.09
CA VAL A 582 3.82 5.46 -24.85
C VAL A 582 3.85 5.74 -26.34
N MET A 583 3.38 6.90 -26.76
CA MET A 583 3.10 7.15 -28.17
C MET A 583 4.38 7.40 -28.96
N LEU A 584 5.45 7.82 -28.29
CA LEU A 584 6.74 7.96 -28.96
C LEU A 584 7.42 6.61 -29.19
N ILE A 585 7.18 5.65 -28.29
CA ILE A 585 7.86 4.36 -28.32
C ILE A 585 7.42 3.55 -29.53
N VAL A 586 6.12 3.57 -29.85
CA VAL A 586 5.63 2.76 -30.96
C VAL A 586 6.04 3.31 -32.33
N LYS A 587 6.57 4.53 -32.39
CA LYS A 587 7.08 5.10 -33.63
C LYS A 587 8.60 5.14 -33.69
N ILE A 588 9.28 5.08 -32.55
CA ILE A 588 10.75 5.03 -32.55
C ILE A 588 11.23 3.70 -33.13
N VAL A 589 10.65 2.59 -32.66
CA VAL A 589 11.07 1.24 -33.01
C VAL A 589 10.48 0.77 -34.33
N GLN A 590 10.96 -0.39 -34.79
CA GLN A 590 10.37 -1.09 -35.91
C GLN A 590 8.95 -1.54 -35.56
N PRO A 591 8.04 -1.61 -36.55
CA PRO A 591 6.64 -1.93 -36.24
C PRO A 591 6.39 -3.34 -35.68
N GLU A 592 7.33 -4.26 -35.85
CA GLU A 592 7.17 -5.60 -35.32
C GLU A 592 7.91 -5.84 -34.00
N LEU A 593 8.45 -4.78 -33.38
CA LEU A 593 9.04 -4.89 -32.04
C LEU A 593 8.42 -3.90 -31.06
N LYS A 594 7.19 -3.43 -31.32
CA LYS A 594 6.57 -2.45 -30.42
C LYS A 594 6.17 -3.07 -29.09
N SER A 595 5.74 -4.34 -29.13
CA SER A 595 5.35 -5.03 -27.89
C SER A 595 6.57 -5.28 -27.00
N LEU A 596 7.68 -5.71 -27.61
CA LEU A 596 8.93 -5.91 -26.88
C LEU A 596 9.45 -4.60 -26.33
N ALA A 597 9.34 -3.52 -27.12
CA ALA A 597 9.80 -2.21 -26.66
C ALA A 597 8.97 -1.68 -25.50
N LEU A 598 7.64 -1.85 -25.57
CA LEU A 598 6.78 -1.42 -24.48
C LEU A 598 7.00 -2.28 -23.23
N GLY A 599 7.26 -3.57 -23.41
CA GLY A 599 7.55 -4.42 -22.26
C GLY A 599 8.85 -4.08 -21.58
N PHE A 600 9.91 -3.82 -22.38
CA PHE A 600 11.20 -3.46 -21.80
C PHE A 600 11.14 -2.09 -21.12
N HIS A 601 10.44 -1.13 -21.73
CA HIS A 601 10.27 0.18 -21.11
C HIS A 601 9.47 0.07 -19.83
N SER A 602 8.44 -0.78 -19.80
CA SER A 602 7.64 -0.95 -18.60
C SER A 602 8.45 -1.62 -17.48
N MET A 603 9.31 -2.58 -17.83
CA MET A 603 10.27 -3.13 -16.87
C MET A 603 11.16 -2.05 -16.28
N VAL A 604 11.72 -1.20 -17.14
CA VAL A 604 12.68 -0.19 -16.68
C VAL A 604 11.99 0.85 -15.79
N ILE A 605 10.80 1.31 -16.18
CA ILE A 605 10.06 2.28 -15.38
C ILE A 605 9.59 1.68 -14.05
N ARG A 606 9.09 0.43 -14.05
CA ARG A 606 8.65 -0.13 -12.77
C ARG A 606 9.82 -0.62 -11.92
N ALA A 607 11.01 -0.76 -12.49
CA ALA A 607 12.17 -1.22 -11.73
C ALA A 607 12.98 -0.07 -11.16
N LEU A 608 13.54 0.77 -12.04
CA LEU A 608 14.42 1.84 -11.59
C LEU A 608 13.67 3.13 -11.29
N GLY A 609 12.38 3.19 -11.58
CA GLY A 609 11.59 4.35 -11.22
C GLY A 609 10.57 4.02 -10.16
N GLY A 610 10.02 2.81 -10.19
CA GLY A 610 9.00 2.43 -9.25
C GLY A 610 9.52 1.94 -7.91
N ILE A 611 10.74 1.39 -7.90
CA ILE A 611 11.32 0.77 -6.70
C ILE A 611 12.47 1.61 -6.16
N LEU A 612 13.51 1.84 -6.97
CA LEU A 612 14.73 2.46 -6.46
C LEU A 612 14.54 3.96 -6.21
N ALA A 613 13.70 4.62 -7.02
CA ALA A 613 13.52 6.06 -6.87
C ALA A 613 12.87 6.47 -5.55
N PRO A 614 11.81 5.84 -5.03
CA PRO A 614 11.41 6.13 -3.65
C PRO A 614 12.46 5.75 -2.61
N ILE A 615 13.32 4.77 -2.89
CA ILE A 615 14.35 4.39 -1.93
C ILE A 615 15.40 5.50 -1.77
N TYR A 616 15.94 6.00 -2.89
CA TYR A 616 16.93 7.05 -2.72
C TYR A 616 16.31 8.40 -2.40
N PHE A 617 15.05 8.64 -2.79
CA PHE A 617 14.37 9.84 -2.32
C PHE A 617 14.15 9.79 -0.82
N GLY A 618 13.76 8.62 -0.28
CA GLY A 618 13.62 8.49 1.15
C GLY A 618 14.94 8.61 1.90
N ALA A 619 16.02 8.12 1.29
CA ALA A 619 17.34 8.24 1.90
C ALA A 619 17.79 9.70 1.96
N LEU A 620 17.67 10.43 0.84
CA LEU A 620 18.08 11.83 0.83
C LEU A 620 17.16 12.70 1.67
N ILE A 621 15.88 12.33 1.75
CA ILE A 621 14.93 13.06 2.60
C ILE A 621 15.23 12.80 4.07
N ASP A 622 15.50 11.54 4.42
CA ASP A 622 15.75 11.16 5.80
C ASP A 622 17.13 11.55 6.29
N THR A 623 18.04 11.93 5.40
CA THR A 623 19.27 12.57 5.85
C THR A 623 19.03 13.97 6.43
N THR A 624 17.85 14.54 6.21
CA THR A 624 17.46 15.83 6.78
C THR A 624 16.56 15.69 8.00
N CYS A 625 16.47 14.50 8.60
CA CYS A 625 15.68 14.34 9.82
C CYS A 625 16.32 15.08 10.99
N ILE A 626 15.47 15.64 11.84
CA ILE A 626 15.93 16.47 12.95
C ILE A 626 15.61 15.85 14.31
N LYS A 627 14.66 14.91 14.38
CA LYS A 627 14.32 14.23 15.64
C LYS A 627 14.03 12.77 15.32
N TRP A 628 14.98 11.90 15.67
CA TRP A 628 14.83 10.47 15.39
C TRP A 628 14.07 9.80 16.53
N SER A 629 13.01 9.08 16.17
CA SER A 629 12.22 8.34 17.15
C SER A 629 12.70 6.88 17.16
N THR A 630 13.19 6.43 18.30
CA THR A 630 13.70 5.08 18.44
C THR A 630 12.58 4.11 18.80
N GLY A 637 13.23 3.86 13.94
CA GLY A 637 11.98 4.19 13.28
C GLY A 637 12.06 5.46 12.45
N SER A 638 10.92 5.87 11.89
CA SER A 638 10.88 7.09 11.09
C SER A 638 10.97 8.32 11.99
N CYS A 639 11.61 9.37 11.48
CA CYS A 639 11.74 10.60 12.26
C CYS A 639 10.41 11.35 12.28
N ARG A 640 10.08 11.93 13.44
CA ARG A 640 8.80 12.60 13.61
C ARG A 640 8.75 13.92 12.86
N THR A 641 9.80 14.73 13.00
CA THR A 641 9.86 16.04 12.36
C THR A 641 11.10 16.13 11.49
N TYR A 642 11.13 17.16 10.66
CA TYR A 642 12.21 17.42 9.73
C TYR A 642 12.70 18.85 9.90
N ASN A 643 13.89 19.12 9.37
CA ASN A 643 14.41 20.48 9.26
C ASN A 643 13.82 21.06 7.98
N SER A 644 12.83 21.94 8.13
CA SER A 644 11.90 22.27 7.05
C SER A 644 12.59 22.97 5.88
N THR A 645 13.56 23.85 6.19
CA THR A 645 14.33 24.49 5.13
C THR A 645 15.20 23.47 4.39
N SER A 646 15.91 22.62 5.14
CA SER A 646 16.78 21.62 4.54
C SER A 646 15.99 20.52 3.83
N PHE A 647 14.90 20.05 4.45
CA PHE A 647 14.05 19.04 3.84
C PHE A 647 13.38 19.57 2.57
N SER A 648 12.92 20.83 2.60
CA SER A 648 12.36 21.47 1.42
C SER A 648 13.39 21.61 0.31
N ARG A 649 14.61 22.03 0.69
CA ARG A 649 15.68 22.23 -0.29
C ARG A 649 16.07 20.91 -0.96
N VAL A 650 16.24 19.84 -0.18
CA VAL A 650 16.62 18.55 -0.74
C VAL A 650 15.48 17.96 -1.58
N TYR A 651 14.25 17.96 -1.04
CA TYR A 651 13.13 17.31 -1.72
C TYR A 651 12.75 18.05 -3.00
N LEU A 652 12.91 19.37 -3.03
CA LEU A 652 12.62 20.09 -4.26
C LEU A 652 13.81 20.06 -5.22
N GLY A 653 15.04 20.17 -4.71
CA GLY A 653 16.19 20.29 -5.59
C GLY A 653 16.59 18.99 -6.24
N LEU A 654 16.35 17.85 -5.57
CA LEU A 654 16.66 16.57 -6.19
C LEU A 654 15.74 16.30 -7.38
N SER A 655 14.45 16.56 -7.21
CA SER A 655 13.52 16.45 -8.32
C SER A 655 13.76 17.52 -9.38
N SER A 656 14.26 18.69 -8.97
CA SER A 656 14.58 19.74 -9.94
C SER A 656 15.76 19.34 -10.82
N MET A 657 16.84 18.82 -10.21
CA MET A 657 17.98 18.34 -10.99
C MET A 657 17.60 17.14 -11.84
N LEU A 658 16.77 16.27 -11.30
CA LEU A 658 16.35 15.06 -11.99
C LEU A 658 15.41 15.40 -13.16
N ARG A 659 14.74 16.56 -13.08
CA ARG A 659 13.93 17.03 -14.19
C ARG A 659 14.75 17.80 -15.22
N VAL A 660 15.73 18.61 -14.81
CA VAL A 660 16.49 19.38 -15.79
C VAL A 660 17.44 18.47 -16.56
N SER A 661 17.79 17.31 -16.00
CA SER A 661 18.58 16.35 -16.79
C SER A 661 17.77 15.78 -17.95
N SER A 662 16.51 15.40 -17.72
CA SER A 662 15.65 14.95 -18.81
C SER A 662 15.28 16.11 -19.72
N LEU A 663 15.26 17.34 -19.19
CA LEU A 663 14.99 18.49 -20.04
C LEU A 663 16.16 18.77 -20.98
N VAL A 664 17.39 18.54 -20.52
CA VAL A 664 18.55 18.61 -21.42
C VAL A 664 18.48 17.50 -22.45
N LEU A 665 18.09 16.30 -22.01
CA LEU A 665 17.97 15.17 -22.92
C LEU A 665 16.83 15.34 -23.93
N TYR A 666 15.85 16.21 -23.65
CA TYR A 666 14.96 16.73 -24.69
C TYR A 666 15.70 17.38 -25.85
N ILE A 667 16.58 18.35 -25.57
CA ILE A 667 17.31 19.01 -26.68
C ILE A 667 18.19 18.01 -27.40
N ILE A 668 18.83 17.08 -26.66
CA ILE A 668 19.63 16.04 -27.31
C ILE A 668 18.76 15.13 -28.18
N LEU A 669 17.58 14.76 -27.70
CA LEU A 669 16.74 13.79 -28.41
C LEU A 669 16.06 14.41 -29.62
N ILE A 670 15.55 15.64 -29.50
CA ILE A 670 14.95 16.32 -30.66
C ILE A 670 16.02 16.71 -31.66
N TYR A 671 17.24 17.01 -31.19
CA TYR A 671 18.37 17.24 -32.08
C TYR A 671 18.70 15.99 -32.89
N ALA A 672 18.69 14.82 -32.23
CA ALA A 672 18.94 13.56 -32.91
C ALA A 672 17.83 13.21 -33.89
N MET A 673 16.57 13.44 -33.51
CA MET A 673 15.44 13.15 -34.40
C MET A 673 15.43 14.08 -35.60
N LYS A 674 15.75 15.36 -35.40
CA LYS A 674 15.78 16.30 -36.51
C LYS A 674 16.96 16.05 -37.43
N LYS A 675 18.07 15.52 -36.89
CA LYS A 675 19.15 15.07 -37.76
C LYS A 675 18.76 13.82 -38.53
N LYS A 676 18.00 12.93 -37.89
CA LYS A 676 17.63 11.67 -38.54
C LYS A 676 16.51 11.86 -39.55
N TYR A 677 15.39 12.42 -39.11
CA TYR A 677 14.24 12.63 -39.99
C TYR A 677 14.43 13.85 -40.87
N GLY B 1 -13.85 -35.44 -4.07
CA GLY B 1 -14.45 -35.20 -2.77
C GLY B 1 -15.86 -34.65 -2.86
N SER B 2 -16.76 -35.43 -3.45
CA SER B 2 -18.16 -35.02 -3.61
C SER B 2 -18.90 -35.31 -2.30
N SER B 3 -19.09 -34.27 -1.49
CA SER B 3 -19.77 -34.41 -0.21
C SER B 3 -20.65 -33.19 0.02
N SER B 4 -21.56 -33.31 0.97
CA SER B 4 -22.47 -32.22 1.32
C SER B 4 -21.83 -31.24 2.29
N GLN B 5 -21.35 -31.73 3.43
CA GLN B 5 -20.72 -30.89 4.43
C GLN B 5 -19.71 -31.74 5.21
N VAL B 6 -18.99 -31.09 6.11
CA VAL B 6 -17.97 -31.74 6.91
C VAL B 6 -18.54 -32.05 8.28
N GLN B 7 -18.52 -33.33 8.66
CA GLN B 7 -19.00 -33.78 9.95
C GLN B 7 -17.83 -34.03 10.88
N LEU B 8 -17.90 -33.49 12.09
CA LEU B 8 -16.82 -33.55 13.05
C LEU B 8 -17.30 -34.26 14.31
N VAL B 9 -16.57 -35.28 14.73
CA VAL B 9 -16.93 -36.07 15.90
C VAL B 9 -15.73 -36.11 16.85
N GLU B 10 -16.00 -35.87 18.14
CA GLU B 10 -14.97 -35.99 19.15
C GLU B 10 -14.89 -37.41 19.68
N SER B 11 -13.76 -37.72 20.29
CA SER B 11 -13.55 -39.04 20.90
C SER B 11 -12.53 -38.90 22.01
N GLY B 12 -12.53 -39.88 22.91
CA GLY B 12 -11.56 -39.93 23.97
C GLY B 12 -11.90 -39.12 25.20
N GLY B 13 -13.04 -38.45 25.24
CA GLY B 13 -13.43 -37.74 26.43
C GLY B 13 -13.88 -38.69 27.53
N GLY B 14 -13.62 -38.29 28.76
CA GLY B 14 -13.99 -39.12 29.90
C GLY B 14 -13.57 -38.49 31.20
N LEU B 15 -14.04 -39.08 32.28
CA LEU B 15 -13.75 -38.59 33.62
C LEU B 15 -12.30 -38.90 34.00
N VAL B 16 -11.68 -37.97 34.72
CA VAL B 16 -10.31 -38.11 35.19
C VAL B 16 -10.29 -37.97 36.71
N GLN B 17 -9.14 -38.32 37.29
CA GLN B 17 -8.89 -38.16 38.72
C GLN B 17 -7.62 -37.36 38.91
N ALA B 18 -7.73 -36.27 39.67
CA ALA B 18 -6.66 -35.30 39.96
C ALA B 18 -6.03 -34.75 38.68
N GLY B 19 -4.76 -34.39 38.73
CA GLY B 19 -4.07 -33.90 37.56
C GLY B 19 -3.60 -35.01 36.65
N GLY B 20 -4.54 -35.69 35.99
CA GLY B 20 -4.23 -36.82 35.14
C GLY B 20 -3.90 -36.40 33.71
N SER B 21 -4.30 -37.24 32.77
CA SER B 21 -4.00 -37.00 31.37
C SER B 21 -5.18 -37.46 30.52
N LEU B 22 -5.50 -36.66 29.51
CA LEU B 22 -6.58 -36.94 28.58
C LEU B 22 -6.06 -36.98 27.15
N ARG B 23 -6.79 -37.75 26.34
CA ARG B 23 -6.42 -38.13 24.98
C ARG B 23 -7.63 -37.76 24.11
N LEU B 24 -7.69 -36.50 23.68
CA LEU B 24 -8.85 -36.06 22.91
C LEU B 24 -8.59 -36.19 21.42
N SER B 25 -9.63 -36.52 20.67
CA SER B 25 -9.51 -36.76 19.24
C SER B 25 -10.67 -36.09 18.52
N CYS B 26 -10.38 -35.57 17.33
CA CYS B 26 -11.37 -34.92 16.48
C CYS B 26 -11.25 -35.51 15.09
N ALA B 27 -12.25 -36.28 14.67
CA ALA B 27 -12.28 -36.89 13.36
C ALA B 27 -13.24 -36.12 12.46
N ALA B 28 -12.78 -35.79 11.26
CA ALA B 28 -13.56 -35.02 10.31
C ALA B 28 -13.82 -35.89 9.07
N SER B 29 -15.01 -35.74 8.50
CA SER B 29 -15.42 -36.50 7.32
C SER B 29 -16.10 -35.58 6.34
N GLY B 30 -15.93 -35.86 5.04
CA GLY B 30 -16.58 -35.07 4.01
C GLY B 30 -15.63 -34.44 3.02
N PHE B 31 -15.52 -33.12 3.06
CA PHE B 31 -14.61 -32.40 2.18
C PHE B 31 -13.16 -32.67 2.56
N PRO B 32 -12.22 -32.47 1.62
CA PRO B 32 -10.81 -32.50 2.00
C PRO B 32 -10.45 -31.37 2.94
N VAL B 33 -9.80 -31.72 4.05
CA VAL B 33 -9.49 -30.76 5.10
C VAL B 33 -7.95 -30.75 5.15
N ASN B 34 -7.34 -30.80 3.97
CA ASN B 34 -5.89 -30.71 3.90
C ASN B 34 -5.40 -29.31 4.27
N LEU B 35 -6.16 -28.29 3.87
CA LEU B 35 -5.65 -26.92 3.91
C LEU B 35 -6.16 -26.09 5.08
N SER B 36 -6.96 -26.65 5.98
CA SER B 36 -7.68 -25.86 6.96
C SER B 36 -7.12 -26.04 8.36
N TYR B 37 -7.11 -24.95 9.14
CA TYR B 37 -6.79 -25.02 10.56
C TYR B 37 -7.87 -25.79 11.30
N MET B 38 -7.50 -26.48 12.37
CA MET B 38 -8.49 -26.96 13.33
C MET B 38 -8.23 -26.43 14.73
N HIS B 39 -9.29 -25.97 15.37
CA HIS B 39 -9.25 -25.35 16.68
C HIS B 39 -9.96 -26.23 17.69
N TRP B 40 -9.60 -26.03 18.96
CA TRP B 40 -10.29 -26.63 20.08
C TRP B 40 -10.77 -25.52 20.99
N TYR B 41 -12.07 -25.55 21.31
CA TYR B 41 -12.74 -24.61 22.20
C TYR B 41 -13.28 -25.37 23.41
N ARG B 42 -13.51 -24.66 24.50
CA ARG B 42 -14.16 -25.25 25.66
C ARG B 42 -15.46 -24.51 25.93
N GLN B 43 -16.39 -25.17 26.61
CA GLN B 43 -17.65 -24.58 27.03
C GLN B 43 -17.91 -24.98 28.47
N ALA B 44 -17.41 -24.18 29.41
CA ALA B 44 -17.75 -24.38 30.80
C ALA B 44 -19.20 -23.96 31.04
N PRO B 45 -19.89 -24.62 31.96
CA PRO B 45 -21.26 -24.19 32.31
C PRO B 45 -21.25 -22.83 33.00
N GLY B 46 -22.16 -21.96 32.56
CA GLY B 46 -22.23 -20.61 33.09
C GLY B 46 -21.24 -19.65 32.49
N LYS B 47 -20.50 -20.06 31.46
CA LYS B 47 -19.55 -19.19 30.79
C LYS B 47 -19.68 -19.39 29.29
N GLU B 48 -19.11 -18.44 28.55
CA GLU B 48 -19.23 -18.46 27.09
C GLU B 48 -18.18 -19.37 26.48
N ARG B 49 -18.09 -19.33 25.15
CA ARG B 49 -17.14 -20.15 24.40
C ARG B 49 -15.73 -19.60 24.58
N GLU B 50 -14.90 -20.31 25.33
CA GLU B 50 -13.50 -19.95 25.49
C GLU B 50 -12.65 -20.75 24.50
N TRP B 51 -11.60 -20.12 23.98
CA TRP B 51 -10.74 -20.78 23.00
C TRP B 51 -9.56 -21.45 23.71
N VAL B 52 -9.22 -22.66 23.26
CA VAL B 52 -8.20 -23.45 23.95
C VAL B 52 -6.95 -23.60 23.09
N ALA B 53 -7.09 -24.13 21.87
CA ALA B 53 -5.90 -24.44 21.09
C ALA B 53 -6.22 -24.37 19.60
N ALA B 54 -5.18 -24.49 18.78
CA ALA B 54 -5.32 -24.50 17.33
C ALA B 54 -4.14 -25.22 16.71
N ILE B 55 -4.37 -25.76 15.51
CA ILE B 55 -3.36 -26.45 14.72
C ILE B 55 -3.53 -26.03 13.27
N SER B 56 -2.41 -25.94 12.55
CA SER B 56 -2.40 -25.44 11.18
C SER B 56 -2.72 -26.57 10.20
N SER B 57 -2.55 -26.28 8.92
CA SER B 57 -2.92 -27.22 7.86
C SER B 57 -1.97 -28.42 7.83
N TRP B 58 -0.66 -28.17 7.88
CA TRP B 58 0.33 -29.22 7.89
C TRP B 58 0.93 -29.46 9.27
N GLY B 59 0.45 -28.74 10.29
CA GLY B 59 1.02 -28.88 11.61
C GLY B 59 2.29 -28.08 11.84
N TRP B 60 2.61 -27.13 10.96
CA TRP B 60 3.80 -26.31 11.15
C TRP B 60 3.59 -25.24 12.21
N HIS B 61 2.36 -24.77 12.39
CA HIS B 61 2.04 -23.73 13.35
C HIS B 61 1.20 -24.32 14.47
N THR B 62 1.65 -24.15 15.71
CA THR B 62 0.92 -24.58 16.90
C THR B 62 0.72 -23.35 17.78
N GLU B 63 -0.51 -22.85 17.84
CA GLU B 63 -0.85 -21.67 18.61
C GLU B 63 -1.81 -22.04 19.73
N TYR B 64 -1.53 -21.54 20.94
CA TYR B 64 -2.24 -21.99 22.12
C TYR B 64 -2.80 -20.79 22.87
N ALA B 65 -3.71 -21.06 23.79
CA ALA B 65 -4.22 -20.03 24.68
C ALA B 65 -3.25 -19.78 25.84
N ASP B 66 -3.35 -18.59 26.43
CA ASP B 66 -2.51 -18.26 27.56
C ASP B 66 -3.01 -18.93 28.84
N SER B 67 -4.28 -19.35 28.87
CA SER B 67 -4.83 -19.99 30.07
C SER B 67 -4.25 -21.39 30.26
N VAL B 68 -4.13 -22.17 29.19
CA VAL B 68 -3.49 -23.48 29.22
C VAL B 68 -2.24 -23.45 28.32
N LYS B 69 -1.07 -23.43 28.95
CA LYS B 69 0.18 -23.30 28.21
C LYS B 69 1.24 -24.13 28.90
N GLY B 70 2.01 -24.87 28.10
CA GLY B 70 3.06 -25.73 28.60
C GLY B 70 2.62 -27.13 28.95
N ARG B 71 1.32 -27.40 28.93
CA ARG B 71 0.81 -28.74 29.22
C ARG B 71 -0.05 -29.31 28.11
N PHE B 72 -0.90 -28.50 27.47
CA PHE B 72 -1.67 -28.97 26.33
C PHE B 72 -0.77 -29.02 25.10
N THR B 73 -0.83 -30.12 24.37
CA THR B 73 -0.12 -30.17 23.08
C THR B 73 -1.08 -30.70 22.01
N ILE B 74 -1.23 -29.96 20.94
CA ILE B 74 -2.12 -30.34 19.86
C ILE B 74 -1.29 -30.97 18.74
N SER B 75 -1.87 -31.96 18.07
CA SER B 75 -1.17 -32.69 17.03
C SER B 75 -2.15 -33.06 15.93
N ARG B 76 -1.64 -33.35 14.75
CA ARG B 76 -2.47 -33.61 13.58
C ARG B 76 -2.02 -34.88 12.88
N ASP B 77 -2.96 -35.54 12.20
CA ASP B 77 -2.62 -36.61 11.28
C ASP B 77 -3.43 -36.31 10.03
N ASN B 78 -2.73 -36.06 8.91
CA ASN B 78 -3.42 -35.72 7.67
C ASN B 78 -4.00 -36.97 6.99
N ALA B 79 -3.33 -38.11 7.13
CA ALA B 79 -3.77 -39.33 6.44
C ALA B 79 -5.04 -39.89 7.07
N LYS B 80 -5.09 -39.95 8.40
CA LYS B 80 -6.32 -40.29 9.08
C LYS B 80 -7.26 -39.09 9.12
N ASN B 81 -6.72 -37.89 8.89
CA ASN B 81 -7.43 -36.60 8.91
C ASN B 81 -8.13 -36.41 10.26
N THR B 82 -7.30 -36.39 11.30
CA THR B 82 -7.79 -36.41 12.67
C THR B 82 -6.82 -35.63 13.53
N VAL B 83 -7.36 -34.75 14.37
CA VAL B 83 -6.57 -33.88 15.24
C VAL B 83 -6.65 -34.36 16.68
N TYR B 84 -5.50 -34.61 17.28
CA TYR B 84 -5.39 -35.06 18.66
C TYR B 84 -5.01 -33.90 19.57
N LEU B 85 -5.35 -34.06 20.84
CA LEU B 85 -5.06 -33.08 21.89
C LEU B 85 -4.60 -33.88 23.10
N GLN B 86 -3.31 -33.74 23.44
CA GLN B 86 -2.78 -34.29 24.67
C GLN B 86 -2.99 -33.29 25.80
N MET B 87 -3.55 -33.78 26.90
CA MET B 87 -3.75 -32.91 28.06
C MET B 87 -3.11 -33.60 29.26
N ASN B 88 -2.31 -32.87 30.03
CA ASN B 88 -1.71 -33.41 31.24
C ASN B 88 -1.57 -32.32 32.29
N SER B 89 -1.41 -32.76 33.55
CA SER B 89 -1.25 -31.91 34.73
C SER B 89 -2.43 -30.93 34.86
N LEU B 90 -3.61 -31.49 35.06
CA LEU B 90 -4.85 -30.74 34.98
C LEU B 90 -5.30 -30.24 36.35
N LYS B 91 -6.25 -29.33 36.32
CA LYS B 91 -6.96 -28.82 37.48
C LYS B 91 -8.45 -28.90 37.21
N PRO B 92 -9.28 -28.98 38.26
CA PRO B 92 -10.74 -29.04 38.04
C PRO B 92 -11.36 -27.76 37.47
N GLU B 93 -10.60 -26.67 37.36
CA GLU B 93 -11.08 -25.49 36.65
C GLU B 93 -11.19 -25.73 35.14
N ASP B 94 -10.55 -26.78 34.63
CA ASP B 94 -10.59 -27.12 33.22
C ASP B 94 -11.81 -27.96 32.83
N THR B 95 -12.72 -28.21 33.78
CA THR B 95 -13.90 -29.04 33.54
C THR B 95 -14.87 -28.37 32.58
N ALA B 96 -14.94 -28.88 31.36
CA ALA B 96 -15.81 -28.32 30.33
C ALA B 96 -16.05 -29.39 29.28
N VAL B 97 -16.87 -29.04 28.28
CA VAL B 97 -17.06 -29.86 27.09
C VAL B 97 -16.28 -29.19 25.96
N TYR B 98 -15.56 -30.01 25.18
CA TYR B 98 -14.57 -29.50 24.24
C TYR B 98 -15.08 -29.66 22.83
N TYR B 99 -15.20 -28.55 22.11
CA TYR B 99 -15.69 -28.53 20.74
C TYR B 99 -14.52 -28.40 19.78
N CYS B 100 -14.66 -29.03 18.62
CA CYS B 100 -13.65 -29.01 17.57
C CYS B 100 -14.16 -28.17 16.42
N HIS B 101 -13.32 -27.24 15.96
CA HIS B 101 -13.72 -26.22 14.98
C HIS B 101 -12.87 -26.40 13.74
N VAL B 102 -13.51 -26.42 12.58
CA VAL B 102 -12.82 -26.24 11.31
C VAL B 102 -13.69 -25.32 10.48
N ARG B 103 -13.08 -24.65 9.51
CA ARG B 103 -13.80 -23.72 8.63
C ARG B 103 -13.52 -24.09 7.17
N VAL B 104 -13.78 -25.34 6.80
CA VAL B 104 -13.74 -25.67 5.38
C VAL B 104 -14.97 -25.06 4.74
N GLY B 105 -14.81 -23.89 4.14
CA GLY B 105 -15.92 -23.15 3.57
C GLY B 105 -16.75 -22.42 4.61
N ARG B 106 -17.54 -23.18 5.37
CA ARG B 106 -18.34 -22.65 6.46
C ARG B 106 -17.73 -23.11 7.78
N SER B 107 -17.96 -22.33 8.83
CA SER B 107 -17.49 -22.72 10.16
C SER B 107 -18.28 -23.93 10.67
N TYR B 108 -17.56 -24.98 11.02
CA TYR B 108 -18.16 -26.24 11.45
C TYR B 108 -17.73 -26.54 12.88
N PHE B 109 -18.64 -27.07 13.67
CA PHE B 109 -18.37 -27.46 15.05
C PHE B 109 -18.80 -28.91 15.25
N GLY B 110 -18.29 -29.50 16.33
CA GLY B 110 -18.59 -30.87 16.67
C GLY B 110 -19.66 -30.99 17.74
N GLN B 111 -19.96 -32.25 18.08
CA GLN B 111 -20.91 -32.51 19.16
C GLN B 111 -20.29 -32.22 20.53
N GLY B 112 -19.04 -32.60 20.71
CA GLY B 112 -18.35 -32.41 21.97
C GLY B 112 -18.50 -33.59 22.91
N THR B 113 -17.46 -33.81 23.72
CA THR B 113 -17.48 -34.83 24.75
C THR B 113 -17.12 -34.20 26.09
N GLN B 114 -17.69 -34.76 27.16
CA GLN B 114 -17.42 -34.25 28.50
C GLN B 114 -16.01 -34.62 28.92
N VAL B 115 -15.26 -33.62 29.38
CA VAL B 115 -13.85 -33.77 29.71
C VAL B 115 -13.84 -33.43 31.21
N SER B 116 -14.85 -33.95 31.90
CA SER B 116 -15.04 -33.69 33.32
C SER B 116 -13.85 -34.17 34.14
N VAL B 117 -13.36 -33.28 35.02
CA VAL B 117 -12.17 -33.52 35.81
C VAL B 117 -12.56 -33.48 37.28
N SER B 118 -12.24 -34.54 38.02
CA SER B 118 -12.55 -34.59 39.43
C SER B 118 -11.52 -33.80 40.24
N ALA B 119 -11.83 -33.60 41.51
CA ALA B 119 -10.94 -32.92 42.44
C ALA B 119 -10.15 -33.97 43.22
N GLY B 120 -8.83 -33.82 43.24
CA GLY B 120 -7.97 -34.75 43.95
C GLY B 120 -6.53 -34.27 44.05
#